data_4FPJ
#
_entry.id   4FPJ
#
_cell.length_a   76.345
_cell.length_b   82.577
_cell.length_c   116.386
_cell.angle_alpha   90.000
_cell.angle_beta   90.000
_cell.angle_gamma   90.000
#
_symmetry.space_group_name_H-M   'P 21 21 21'
#
loop_
_entity.id
_entity.type
_entity.pdbx_description
1 polymer 'Sialidase B'
2 non-polymer '2-[(3-methoxybenzyl)amino]ethanesulfonic acid'
3 non-polymer 'DIMETHYL SULFOXIDE'
4 water water
#
_entity_poly.entity_id   1
_entity_poly.type   'polypeptide(L)'
_entity_poly.pdbx_seq_one_letter_code
;MNKRGLYSKLGISVVGISLLMGVPTLIHANELNYGQLSISPIFQGGSYQLNNKSIDISSLLLDKLSGESQTVVMKFKADK
PNSLQALFGLSNSKAGFKNNYFSIFMRDSGEIGVEIRDAQKGINYLFSRPASLWGKHKGQAVENTLVFVSDSKDKTYTMY
VNGIEVFSETVDTFLPISNINGIDKATLGAVNREGKEHYLAKGSIDEISLFNKAISDQEVSTIPLSNPFQLIFQSGDSTQ
ANYFRIPTLYTLSSGRVLSSIDARYGGTHDSKSKINIATSYSDDNGKTWSEPIFAMKFNDYEEQLVYWPRDNKLKNSQIS
GSASFIDSSIVEDKKSGKTILLADVMPAGIGNNNANKADSGFKEINGHYYLKLKKNGDNDFRYTVRENGVVYNETTNKPT
NYTINDKYEVLEGGKSLTVEQYSVDFDSGSLRERHNGKQVPMNVFYKDSLFKVTPTNYIAMTTSQNRGESWEQFKLLPPF
LGEKHNGTYLCPGQGLALKSSNRLIFATYTSGELTYLISDDSGQTWKKSSASIPFKNATAEAQMVELRDGVIRTFFRTTT
GKIAYMTSRDSGETWSKVSYIDGIQQTSYGTQVSAIKYSQLIDGKEAVILSTPNSRSGRKGGQLVVGLVNKEDDSIDWKY
HYDIDLPSYGYAYSAITELPNHHIGVLFEKYDSWSRNELHLSNVVQYIDLEINDLTK
;
_entity_poly.pdbx_strand_id   A
#
loop_
_chem_comp.id
_chem_comp.type
_chem_comp.name
_chem_comp.formula
D8I non-polymer '2-[(3-methoxybenzyl)amino]ethanesulfonic acid' 'C10 H15 N O4 S'
DMS non-polymer 'DIMETHYL SULFOXIDE' 'C2 H6 O S'
#
# COMPACT_ATOMS: atom_id res chain seq x y z
N ILE A 39 35.99 -4.29 -8.80
CA ILE A 39 36.93 -3.22 -8.45
C ILE A 39 36.97 -2.97 -6.93
N SER A 40 38.17 -2.92 -6.37
CA SER A 40 38.39 -2.89 -4.93
C SER A 40 37.99 -1.58 -4.26
N PRO A 41 37.65 -1.64 -2.96
CA PRO A 41 37.40 -0.41 -2.22
C PRO A 41 38.71 0.29 -1.88
N ILE A 42 38.65 1.61 -1.76
CA ILE A 42 39.78 2.42 -1.35
C ILE A 42 39.85 2.47 0.17
N PHE A 43 38.77 2.00 0.80
CA PHE A 43 38.66 1.95 2.25
C PHE A 43 37.62 0.93 2.63
N GLN A 44 37.95 0.10 3.62
CA GLN A 44 37.02 -0.87 4.16
C GLN A 44 37.25 -1.01 5.66
N GLY A 45 36.18 -0.84 6.43
CA GLY A 45 36.26 -0.91 7.87
C GLY A 45 34.98 -1.49 8.42
N GLY A 46 35.02 -2.00 9.66
CA GLY A 46 33.86 -2.68 10.18
C GLY A 46 33.76 -2.74 11.68
N SER A 47 32.60 -3.22 12.15
CA SER A 47 32.24 -3.27 13.57
C SER A 47 32.55 -1.99 14.34
N TYR A 48 31.95 -0.88 13.91
CA TYR A 48 32.02 0.35 14.68
C TYR A 48 30.75 0.52 15.51
N GLN A 49 30.93 0.76 16.80
CA GLN A 49 29.78 1.02 17.68
C GLN A 49 29.61 2.52 17.81
N LEU A 50 28.47 3.02 17.37
CA LEU A 50 28.17 4.44 17.53
C LEU A 50 27.34 4.65 18.81
N ASN A 51 27.98 5.16 19.86
CA ASN A 51 27.29 5.38 21.12
CA ASN A 51 27.27 5.39 21.12
C ASN A 51 27.35 6.85 21.55
N ASN A 52 26.74 7.71 20.75
CA ASN A 52 26.75 9.15 21.00
C ASN A 52 28.18 9.68 21.12
N LYS A 53 29.06 9.14 20.29
CA LYS A 53 30.46 9.56 20.22
C LYS A 53 31.02 9.23 18.85
N SER A 54 31.40 10.26 18.10
CA SER A 54 31.89 10.05 16.74
C SER A 54 33.19 9.27 16.69
N ILE A 55 33.42 8.60 15.56
CA ILE A 55 34.68 7.91 15.31
C ILE A 55 35.40 8.61 14.16
N ASP A 56 36.61 9.10 14.43
CA ASP A 56 37.40 9.75 13.38
C ASP A 56 38.13 8.74 12.52
N ILE A 57 37.87 8.76 11.22
CA ILE A 57 38.56 7.89 10.27
C ILE A 57 39.33 8.69 9.22
N SER A 58 39.57 9.97 9.49
CA SER A 58 40.25 10.87 8.54
C SER A 58 41.56 10.29 7.98
N SER A 59 42.43 9.83 8.87
CA SER A 59 43.74 9.32 8.48
C SER A 59 43.62 8.14 7.53
N LEU A 60 42.63 7.28 7.80
CA LEU A 60 42.40 6.08 6.98
C LEU A 60 41.80 6.38 5.60
N LEU A 61 40.92 7.38 5.52
CA LEU A 61 40.10 7.58 4.32
C LEU A 61 40.47 8.78 3.44
N LEU A 62 40.71 9.93 4.06
CA LEU A 62 40.82 11.18 3.31
C LEU A 62 41.83 11.18 2.17
N ASP A 63 43.06 10.74 2.45
CA ASP A 63 44.09 10.74 1.40
C ASP A 63 43.82 9.71 0.30
N LYS A 64 42.84 8.82 0.52
CA LYS A 64 42.47 7.80 -0.46
C LYS A 64 41.46 8.30 -1.49
N LEU A 65 40.69 9.32 -1.12
CA LEU A 65 39.65 9.86 -2.00
C LEU A 65 40.26 10.53 -3.22
N SER A 66 39.75 10.20 -4.41
CA SER A 66 40.29 10.76 -5.63
CA SER A 66 40.32 10.68 -5.66
C SER A 66 39.28 10.66 -6.77
N GLY A 67 39.29 11.69 -7.61
CA GLY A 67 38.36 11.75 -8.71
C GLY A 67 37.02 12.26 -8.20
N GLU A 68 36.09 12.49 -9.12
CA GLU A 68 34.85 13.18 -8.76
C GLU A 68 33.64 12.26 -8.55
N SER A 69 33.83 10.95 -8.69
CA SER A 69 32.77 9.96 -8.52
C SER A 69 33.09 9.02 -7.35
N GLN A 70 32.09 8.74 -6.51
CA GLN A 70 32.30 7.88 -5.35
C GLN A 70 31.09 6.99 -5.04
N THR A 71 31.34 5.80 -4.50
CA THR A 71 30.25 4.95 -4.00
C THR A 71 30.49 4.63 -2.54
N VAL A 72 29.46 4.80 -1.71
CA VAL A 72 29.52 4.40 -0.32
C VAL A 72 28.64 3.16 -0.11
N VAL A 73 29.23 2.09 0.40
CA VAL A 73 28.47 0.91 0.75
C VAL A 73 28.54 0.75 2.27
N MET A 74 27.39 0.69 2.95
CA MET A 74 27.38 0.62 4.41
C MET A 74 26.30 -0.28 4.98
N LYS A 75 26.71 -1.23 5.83
CA LYS A 75 25.78 -2.09 6.55
C LYS A 75 25.72 -1.65 7.99
N PHE A 76 24.52 -1.26 8.43
CA PHE A 76 24.37 -0.60 9.73
C PHE A 76 23.08 -1.00 10.45
N LYS A 77 23.11 -0.91 11.77
CA LYS A 77 21.93 -1.16 12.59
C LYS A 77 21.63 0.10 13.36
N ALA A 78 20.35 0.37 13.55
CA ALA A 78 19.92 1.45 14.43
C ALA A 78 18.55 1.10 14.97
N ASP A 79 18.52 0.45 16.13
CA ASP A 79 17.25 0.06 16.74
C ASP A 79 16.82 1.05 17.80
N LYS A 80 17.71 1.96 18.17
CA LYS A 80 17.35 3.03 19.11
C LYS A 80 17.89 4.38 18.62
N PRO A 81 17.52 4.78 17.39
CA PRO A 81 18.16 6.00 16.86
C PRO A 81 17.76 7.27 17.59
N ASN A 82 18.65 8.26 17.60
CA ASN A 82 18.29 9.61 18.00
C ASN A 82 17.34 10.20 16.97
N SER A 83 16.73 11.35 17.28
CA SER A 83 15.75 11.98 16.39
C SER A 83 16.31 12.24 14.98
N LEU A 84 17.50 12.83 14.95
CA LEU A 84 18.20 13.09 13.70
C LEU A 84 19.68 12.79 13.92
N GLN A 85 20.24 11.87 13.13
CA GLN A 85 21.63 11.51 13.35
C GLN A 85 22.38 11.21 12.06
N ALA A 86 23.65 11.60 12.01
CA ALA A 86 24.48 11.30 10.86
C ALA A 86 25.18 9.97 11.04
N LEU A 87 25.22 9.18 9.97
CA LEU A 87 25.91 7.90 10.00
C LEU A 87 27.34 8.12 9.54
N PHE A 88 27.50 8.98 8.55
CA PHE A 88 28.81 9.21 7.94
C PHE A 88 28.93 10.67 7.55
N GLY A 89 30.11 11.25 7.78
CA GLY A 89 30.34 12.65 7.49
C GLY A 89 31.71 12.91 6.89
N LEU A 90 31.75 13.79 5.89
CA LEU A 90 32.99 14.33 5.35
C LEU A 90 32.83 15.83 5.47
N SER A 91 33.66 16.49 6.26
CA SER A 91 33.45 17.91 6.51
C SER A 91 34.71 18.75 6.53
N ASN A 92 34.55 20.04 6.23
CA ASN A 92 35.52 21.04 6.62
C ASN A 92 35.22 21.39 8.07
N SER A 93 36.08 20.98 8.99
CA SER A 93 35.80 21.19 10.41
C SER A 93 36.28 22.55 10.92
N LYS A 94 36.78 23.40 10.02
CA LYS A 94 37.37 24.68 10.44
C LYS A 94 36.35 25.78 10.79
N ALA A 95 36.81 26.78 11.53
CA ALA A 95 35.98 27.93 11.88
C ALA A 95 35.52 28.66 10.62
N GLY A 96 34.23 28.98 10.54
CA GLY A 96 33.70 29.72 9.41
C GLY A 96 33.21 28.87 8.25
N PHE A 97 33.36 27.55 8.35
CA PHE A 97 32.98 26.65 7.27
C PHE A 97 32.01 25.57 7.72
N LYS A 98 31.07 25.93 8.59
CA LYS A 98 30.18 24.94 9.20
C LYS A 98 29.21 24.32 8.21
N ASN A 99 29.05 24.96 7.07
CA ASN A 99 28.12 24.49 6.05
C ASN A 99 28.84 23.91 4.86
N ASN A 100 30.05 23.42 5.09
CA ASN A 100 30.83 22.75 4.06
C ASN A 100 31.00 21.29 4.44
N TYR A 101 30.00 20.46 4.13
CA TYR A 101 30.08 19.04 4.48
C TYR A 101 29.20 18.17 3.59
N PHE A 102 29.57 16.89 3.53
CA PHE A 102 28.72 15.82 3.01
C PHE A 102 28.36 14.94 4.18
N SER A 103 27.11 14.54 4.27
CA SER A 103 26.67 13.62 5.32
C SER A 103 25.71 12.58 4.75
N ILE A 104 25.70 11.39 5.34
CA ILE A 104 24.58 10.47 5.17
C ILE A 104 23.88 10.46 6.52
N PHE A 105 22.60 10.82 6.53
CA PHE A 105 21.86 10.95 7.79
C PHE A 105 20.59 10.10 7.80
N MET A 106 20.03 9.88 9.00
CA MET A 106 18.74 9.23 9.13
C MET A 106 17.92 9.92 10.22
N ARG A 107 16.61 9.71 10.21
CA ARG A 107 15.76 10.21 11.29
C ARG A 107 15.10 9.04 12.02
N ASP A 108 14.59 9.28 13.22
CA ASP A 108 13.92 8.20 13.95
C ASP A 108 12.54 7.85 13.35
N SER A 109 12.16 8.56 12.30
CA SER A 109 11.00 8.23 11.47
C SER A 109 11.31 7.12 10.46
N GLY A 110 12.58 6.73 10.32
CA GLY A 110 12.98 5.80 9.28
C GLY A 110 13.44 6.47 7.99
N GLU A 111 13.36 7.80 7.94
CA GLU A 111 13.85 8.55 6.78
C GLU A 111 15.38 8.42 6.64
N ILE A 112 15.86 8.39 5.39
CA ILE A 112 17.29 8.37 5.07
C ILE A 112 17.57 9.52 4.12
N GLY A 113 18.78 10.09 4.17
CA GLY A 113 19.13 11.09 3.19
C GLY A 113 20.59 11.46 3.16
N VAL A 114 20.94 12.39 2.27
CA VAL A 114 22.26 13.02 2.31
C VAL A 114 22.15 14.54 2.21
N GLU A 115 23.19 15.23 2.70
CA GLU A 115 23.41 16.64 2.41
C GLU A 115 24.76 16.76 1.73
N ILE A 116 24.85 17.66 0.76
CA ILE A 116 26.12 17.93 0.09
C ILE A 116 26.20 19.44 -0.01
N ARG A 117 27.08 20.04 0.79
CA ARG A 117 27.06 21.48 1.00
C ARG A 117 28.45 22.08 0.82
N ASP A 118 28.51 23.22 0.13
CA ASP A 118 29.76 23.96 -0.05
C ASP A 118 29.36 25.43 -0.17
N ALA A 119 29.72 26.24 0.82
CA ALA A 119 29.27 27.63 0.89
C ALA A 119 29.92 28.49 -0.17
N GLN A 120 31.17 28.18 -0.51
CA GLN A 120 31.89 28.95 -1.51
C GLN A 120 31.24 28.79 -2.88
N LYS A 121 30.68 27.60 -3.12
CA LYS A 121 30.06 27.27 -4.40
C LYS A 121 28.58 27.65 -4.41
N GLY A 122 28.05 28.03 -3.25
CA GLY A 122 26.64 28.36 -3.12
C GLY A 122 25.73 27.16 -3.38
N ILE A 123 26.21 25.98 -3.00
CA ILE A 123 25.46 24.73 -3.18
C ILE A 123 25.05 24.12 -1.84
N ASN A 124 23.75 23.88 -1.66
CA ASN A 124 23.23 23.17 -0.50
C ASN A 124 22.23 22.10 -0.89
N TYR A 125 22.72 20.92 -1.25
CA TYR A 125 21.86 19.87 -1.74
C TYR A 125 21.37 19.05 -0.57
N LEU A 126 20.09 18.71 -0.60
CA LEU A 126 19.54 17.75 0.35
C LEU A 126 18.63 16.81 -0.40
N PHE A 127 18.96 15.53 -0.38
CA PHE A 127 18.09 14.52 -0.99
C PHE A 127 17.74 13.53 0.11
N SER A 128 16.48 13.11 0.16
CA SER A 128 16.07 12.19 1.21
C SER A 128 14.78 11.46 0.83
N ARG A 129 14.50 10.35 1.50
CA ARG A 129 13.17 9.76 1.40
C ARG A 129 12.72 9.19 2.75
N PRO A 130 11.51 9.55 3.17
CA PRO A 130 10.94 8.99 4.40
C PRO A 130 10.83 7.47 4.27
N ALA A 131 10.59 6.79 5.40
CA ALA A 131 10.25 5.37 5.42
C ALA A 131 11.15 4.48 4.53
N SER A 132 12.47 4.60 4.74
CA SER A 132 13.42 3.83 3.94
C SER A 132 14.13 2.72 4.71
N LEU A 133 13.90 2.64 6.02
CA LEU A 133 14.73 1.76 6.86
C LEU A 133 13.95 0.70 7.64
N TRP A 134 14.67 -0.34 8.09
CA TRP A 134 14.17 -1.22 9.14
C TRP A 134 14.94 -0.97 10.45
N GLY A 135 14.29 -1.22 11.57
CA GLY A 135 14.93 -1.11 12.87
C GLY A 135 15.18 -2.47 13.49
N LYS A 136 14.10 -3.20 13.73
CA LYS A 136 14.13 -4.51 14.40
C LYS A 136 13.17 -5.48 13.72
N HIS A 137 13.47 -6.76 13.81
CA HIS A 137 12.61 -7.82 13.29
C HIS A 137 12.79 -9.02 14.22
N LYS A 138 11.68 -9.53 14.78
CA LYS A 138 11.74 -10.60 15.76
C LYS A 138 12.65 -10.26 16.93
N GLY A 139 12.58 -9.01 17.37
CA GLY A 139 13.32 -8.55 18.54
C GLY A 139 14.77 -8.17 18.31
N GLN A 140 15.30 -8.51 17.14
CA GLN A 140 16.72 -8.28 16.83
C GLN A 140 16.91 -7.10 15.89
N ALA A 141 17.93 -6.28 16.15
CA ALA A 141 18.27 -5.16 15.28
C ALA A 141 18.56 -5.62 13.85
N VAL A 142 17.96 -4.94 12.87
CA VAL A 142 18.10 -5.31 11.45
C VAL A 142 19.35 -4.68 10.82
N GLU A 143 20.13 -5.48 10.09
CA GLU A 143 21.24 -4.94 9.32
C GLU A 143 20.74 -4.32 8.02
N ASN A 144 20.70 -2.99 7.96
CA ASN A 144 20.32 -2.30 6.73
C ASN A 144 21.50 -2.22 5.79
N THR A 145 21.25 -2.42 4.49
CA THR A 145 22.32 -2.30 3.50
C THR A 145 22.12 -1.05 2.65
N LEU A 146 23.02 -0.08 2.80
CA LEU A 146 22.88 1.21 2.13
C LEU A 146 23.95 1.36 1.06
N VAL A 147 23.53 1.76 -0.13
CA VAL A 147 24.48 2.03 -1.20
C VAL A 147 24.19 3.43 -1.72
N PHE A 148 25.19 4.31 -1.64
CA PHE A 148 25.05 5.67 -2.18
C PHE A 148 26.03 5.86 -3.32
N VAL A 149 25.51 6.29 -4.46
CA VAL A 149 26.32 6.50 -5.64
C VAL A 149 26.33 7.96 -6.05
N SER A 150 27.53 8.54 -6.11
CA SER A 150 27.73 9.93 -6.54
C SER A 150 28.48 9.90 -7.88
N ASP A 151 27.77 10.21 -8.95
CA ASP A 151 28.23 9.96 -10.32
C ASP A 151 28.47 11.28 -11.04
N SER A 152 29.73 11.69 -11.14
CA SER A 152 30.05 12.99 -11.74
C SER A 152 29.72 13.06 -13.23
N LYS A 153 29.78 11.92 -13.92
CA LYS A 153 29.55 11.92 -15.37
C LYS A 153 28.10 12.16 -15.71
N ASP A 154 27.20 11.49 -14.98
CA ASP A 154 25.77 11.66 -15.18
C ASP A 154 25.19 12.77 -14.31
N LYS A 155 26.06 13.36 -13.48
CA LYS A 155 25.64 14.40 -12.53
C LYS A 155 24.45 13.95 -11.69
N THR A 156 24.53 12.70 -11.21
CA THR A 156 23.40 12.08 -10.55
C THR A 156 23.81 11.50 -9.20
N TYR A 157 22.95 11.66 -8.20
CA TYR A 157 23.15 11.07 -6.88
C TYR A 157 22.03 10.04 -6.67
N THR A 158 22.41 8.81 -6.33
CA THR A 158 21.43 7.72 -6.19
C THR A 158 21.64 6.99 -4.89
N MET A 159 20.55 6.70 -4.19
CA MET A 159 20.59 5.99 -2.92
C MET A 159 19.75 4.72 -2.97
N TYR A 160 20.36 3.59 -2.60
CA TYR A 160 19.60 2.35 -2.41
C TYR A 160 19.64 1.97 -0.93
N VAL A 161 18.52 1.47 -0.41
CA VAL A 161 18.53 0.86 0.92
C VAL A 161 17.79 -0.46 0.88
N ASN A 162 18.48 -1.51 1.33
CA ASN A 162 17.90 -2.84 1.34
C ASN A 162 17.41 -3.27 -0.05
N GLY A 163 18.17 -2.91 -1.07
CA GLY A 163 17.88 -3.35 -2.42
C GLY A 163 16.84 -2.50 -3.15
N ILE A 164 16.43 -1.42 -2.50
CA ILE A 164 15.39 -0.54 -3.03
C ILE A 164 15.95 0.86 -3.29
N GLU A 165 15.77 1.32 -4.52
CA GLU A 165 16.19 2.67 -4.88
C GLU A 165 15.22 3.64 -4.25
N VAL A 166 15.71 4.50 -3.36
CA VAL A 166 14.83 5.43 -2.64
C VAL A 166 14.92 6.86 -3.17
N PHE A 167 16.01 7.19 -3.87
CA PHE A 167 16.06 8.43 -4.65
C PHE A 167 17.16 8.36 -5.72
N SER A 168 16.95 9.11 -6.79
CA SER A 168 17.93 9.23 -7.88
C SER A 168 17.75 10.63 -8.45
N GLU A 169 18.70 11.52 -8.19
CA GLU A 169 18.52 12.92 -8.52
C GLU A 169 19.65 13.45 -9.38
N THR A 170 19.29 14.07 -10.51
CA THR A 170 20.26 14.67 -11.42
C THR A 170 20.27 16.17 -11.20
N VAL A 171 21.46 16.77 -11.19
CA VAL A 171 21.58 18.21 -11.03
C VAL A 171 22.31 18.87 -12.19
N ASP A 172 22.04 20.15 -12.39
CA ASP A 172 22.77 20.92 -13.40
C ASP A 172 24.21 21.13 -12.99
N THR A 173 24.42 21.52 -11.74
CA THR A 173 25.75 21.75 -11.18
C THR A 173 26.15 20.64 -10.21
N PHE A 174 26.98 19.70 -10.66
CA PHE A 174 27.35 18.57 -9.82
C PHE A 174 28.35 18.98 -8.73
N LEU A 175 28.19 18.42 -7.54
CA LEU A 175 29.17 18.63 -6.48
C LEU A 175 29.75 17.31 -5.99
N PRO A 176 30.99 17.00 -6.41
CA PRO A 176 31.65 15.77 -5.92
C PRO A 176 31.81 15.86 -4.41
N ILE A 177 31.60 14.76 -3.70
CA ILE A 177 31.51 14.78 -2.24
C ILE A 177 32.81 15.13 -1.55
N SER A 178 33.93 14.89 -2.23
CA SER A 178 35.24 15.20 -1.69
C SER A 178 35.81 16.45 -2.36
N ASN A 179 34.99 17.11 -3.16
CA ASN A 179 35.37 18.39 -3.75
C ASN A 179 34.85 19.58 -2.96
N ILE A 180 34.25 19.30 -1.79
CA ILE A 180 33.84 20.36 -0.89
C ILE A 180 35.09 21.09 -0.36
N ASN A 181 35.08 22.41 -0.52
CA ASN A 181 36.19 23.29 -0.16
C ASN A 181 36.67 23.08 1.28
N GLY A 182 37.90 22.63 1.43
CA GLY A 182 38.51 22.49 2.75
C GLY A 182 38.17 21.27 3.59
N ILE A 183 37.65 20.21 2.97
CA ILE A 183 37.39 18.97 3.71
C ILE A 183 38.64 18.56 4.47
N ASP A 184 38.50 18.31 5.77
CA ASP A 184 39.64 17.86 6.56
C ASP A 184 39.27 16.80 7.59
N LYS A 185 38.01 16.36 7.56
CA LYS A 185 37.55 15.33 8.50
C LYS A 185 36.65 14.29 7.83
N ALA A 186 36.90 13.02 8.13
CA ALA A 186 36.00 11.92 7.78
C ALA A 186 35.57 11.29 9.08
N THR A 187 34.25 11.18 9.28
CA THR A 187 33.69 10.92 10.59
C THR A 187 32.53 9.90 10.51
N LEU A 188 32.50 8.96 11.44
CA LEU A 188 31.36 8.05 11.55
C LEU A 188 30.54 8.41 12.79
N GLY A 189 29.22 8.54 12.62
CA GLY A 189 28.34 8.73 13.76
C GLY A 189 28.21 10.17 14.22
N ALA A 190 28.73 11.09 13.42
CA ALA A 190 28.49 12.52 13.60
C ALA A 190 28.99 13.25 12.37
N VAL A 191 28.78 14.56 12.33
CA VAL A 191 29.45 15.44 11.38
C VAL A 191 30.25 16.44 12.20
N ASN A 192 31.56 16.54 11.92
CA ASN A 192 32.43 17.50 12.59
C ASN A 192 32.30 18.89 11.98
N ARG A 193 31.64 19.80 12.68
CA ARG A 193 31.49 21.19 12.23
C ARG A 193 32.10 22.12 13.25
N GLU A 194 33.05 22.93 12.82
CA GLU A 194 33.74 23.88 13.70
C GLU A 194 34.30 23.20 14.96
N GLY A 195 34.79 21.98 14.78
CA GLY A 195 35.43 21.24 15.85
C GLY A 195 34.48 20.55 16.81
N LYS A 196 33.17 20.63 16.57
CA LYS A 196 32.21 19.98 17.45
C LYS A 196 31.44 18.83 16.77
N GLU A 197 30.93 17.91 17.58
CA GLU A 197 30.17 16.77 17.09
C GLU A 197 28.70 17.12 16.89
N HIS A 198 28.27 17.25 15.65
CA HIS A 198 26.87 17.53 15.38
C HIS A 198 26.18 16.24 14.93
N TYR A 199 24.89 16.12 15.25
CA TYR A 199 24.08 14.99 14.79
C TYR A 199 24.63 13.65 15.26
N LEU A 200 25.01 13.57 16.54
CA LEU A 200 25.53 12.33 17.12
C LEU A 200 24.56 11.16 16.93
N ALA A 201 25.12 10.02 16.54
CA ALA A 201 24.30 8.83 16.28
C ALA A 201 24.41 7.79 17.38
N LYS A 202 23.32 7.04 17.55
CA LYS A 202 23.29 5.81 18.31
C LYS A 202 22.99 4.68 17.34
N GLY A 203 23.88 3.69 17.25
CA GLY A 203 23.68 2.58 16.32
C GLY A 203 24.99 1.86 16.13
N SER A 204 25.12 1.14 15.03
CA SER A 204 26.37 0.48 14.70
C SER A 204 26.58 0.42 13.21
N ILE A 205 27.83 0.53 12.79
CA ILE A 205 28.19 0.35 11.39
C ILE A 205 29.02 -0.92 11.27
N ASP A 206 28.37 -2.00 10.86
CA ASP A 206 29.02 -3.29 10.86
C ASP A 206 30.03 -3.43 9.73
N GLU A 207 29.77 -2.74 8.61
CA GLU A 207 30.71 -2.71 7.49
C GLU A 207 30.53 -1.41 6.71
N ILE A 208 31.64 -0.78 6.33
CA ILE A 208 31.56 0.40 5.48
C ILE A 208 32.71 0.34 4.47
N SER A 209 32.38 0.59 3.20
CA SER A 209 33.34 0.54 2.11
C SER A 209 33.17 1.78 1.26
N LEU A 210 34.25 2.29 0.69
CA LEU A 210 34.19 3.41 -0.25
C LEU A 210 34.95 3.10 -1.52
N PHE A 211 34.43 3.59 -2.64
CA PHE A 211 34.99 3.31 -3.94
C PHE A 211 35.16 4.63 -4.69
N ASN A 212 36.28 4.79 -5.41
CA ASN A 212 36.47 5.94 -6.27
C ASN A 212 35.88 5.65 -7.65
N LYS A 213 34.61 5.30 -7.66
CA LYS A 213 33.89 5.01 -8.87
C LYS A 213 32.41 5.08 -8.57
N ALA A 214 31.63 5.42 -9.58
CA ALA A 214 30.19 5.29 -9.49
C ALA A 214 29.83 3.92 -10.04
N ILE A 215 29.54 2.98 -9.14
CA ILE A 215 29.24 1.63 -9.59
C ILE A 215 27.91 1.57 -10.33
N SER A 216 27.79 0.63 -11.26
CA SER A 216 26.57 0.51 -12.07
C SER A 216 25.41 -0.07 -11.26
N ASP A 217 24.19 0.21 -11.73
CA ASP A 217 22.99 -0.39 -11.15
C ASP A 217 23.12 -1.91 -11.11
N GLN A 218 23.82 -2.46 -12.11
CA GLN A 218 24.06 -3.89 -12.22
C GLN A 218 24.91 -4.37 -11.06
N GLU A 219 26.07 -3.75 -10.88
CA GLU A 219 26.96 -4.06 -9.75
C GLU A 219 26.25 -3.92 -8.41
N VAL A 220 25.42 -2.89 -8.28
CA VAL A 220 24.64 -2.69 -7.04
C VAL A 220 23.80 -3.93 -6.75
N SER A 221 23.18 -4.48 -7.78
CA SER A 221 22.30 -5.66 -7.63
C SER A 221 23.03 -6.91 -7.11
N THR A 222 24.36 -6.91 -7.18
CA THR A 222 25.16 -8.05 -6.71
C THR A 222 25.63 -7.93 -5.24
N ILE A 223 25.36 -6.77 -4.63
CA ILE A 223 25.70 -6.57 -3.23
C ILE A 223 24.72 -7.36 -2.35
N PRO A 224 25.25 -8.29 -1.54
CA PRO A 224 24.41 -9.13 -0.68
C PRO A 224 23.60 -8.32 0.34
N LEU A 225 22.36 -8.74 0.57
CA LEU A 225 21.46 -8.03 1.47
C LEU A 225 21.11 -8.92 2.65
N SER A 226 20.71 -8.29 3.76
CA SER A 226 20.25 -9.03 4.91
C SER A 226 18.83 -8.61 5.24
N ASN A 227 17.94 -8.65 4.25
CA ASN A 227 16.57 -8.13 4.45
C ASN A 227 15.69 -9.02 5.32
N PRO A 228 14.88 -8.41 6.21
CA PRO A 228 13.92 -9.18 7.01
C PRO A 228 12.60 -9.38 6.27
N PHE A 229 12.50 -8.77 5.09
CA PHE A 229 11.25 -8.71 4.34
C PHE A 229 11.42 -9.17 2.89
N GLN A 230 10.30 -9.36 2.20
CA GLN A 230 10.34 -9.56 0.77
C GLN A 230 9.29 -8.69 0.08
N LEU A 231 9.41 -8.51 -1.23
CA LEU A 231 8.38 -7.83 -1.98
C LEU A 231 7.60 -8.83 -2.82
N ILE A 232 6.28 -8.69 -2.82
CA ILE A 232 5.38 -9.47 -3.64
C ILE A 232 5.09 -8.65 -4.89
N PHE A 233 4.59 -7.43 -4.66
CA PHE A 233 4.41 -6.45 -5.71
C PHE A 233 5.51 -5.39 -5.58
N GLN A 234 6.06 -4.92 -6.70
CA GLN A 234 7.18 -3.96 -6.65
C GLN A 234 7.29 -3.17 -7.94
N SER A 235 7.93 -2.00 -7.86
CA SER A 235 8.07 -1.09 -8.98
C SER A 235 8.77 -1.81 -10.14
N GLY A 236 8.19 -1.71 -11.33
CA GLY A 236 8.80 -2.32 -12.50
C GLY A 236 8.34 -3.74 -12.77
N ASP A 237 7.43 -4.26 -11.94
CA ASP A 237 6.89 -5.60 -12.20
C ASP A 237 5.84 -5.55 -13.32
N SER A 238 5.18 -6.66 -13.55
CA SER A 238 4.20 -6.79 -14.63
C SER A 238 3.01 -5.80 -14.56
N THR A 239 2.75 -5.21 -13.39
CA THR A 239 1.65 -4.25 -13.29
C THR A 239 2.04 -2.93 -13.90
N GLN A 240 3.33 -2.65 -13.89
CA GLN A 240 3.90 -1.35 -14.31
C GLN A 240 3.35 -0.16 -13.50
N ALA A 241 2.80 -0.44 -12.33
CA ALA A 241 2.47 0.63 -11.38
C ALA A 241 3.69 0.90 -10.52
N ASN A 242 4.01 2.18 -10.29
CA ASN A 242 5.16 2.51 -9.47
C ASN A 242 4.84 2.49 -7.97
N TYR A 243 3.55 2.33 -7.65
CA TYR A 243 3.06 2.46 -6.27
C TYR A 243 2.01 1.40 -5.97
N PHE A 244 1.92 1.00 -4.69
CA PHE A 244 0.94 0.00 -4.27
C PHE A 244 0.36 0.36 -2.90
N ARG A 245 -0.93 0.11 -2.73
CA ARG A 245 -1.56 0.31 -1.43
C ARG A 245 -2.62 -0.77 -1.23
N ILE A 246 -3.10 -0.89 0.00
CA ILE A 246 -4.22 -1.78 0.31
C ILE A 246 -3.93 -3.25 0.03
N PRO A 247 -3.00 -3.85 0.79
CA PRO A 247 -2.67 -5.27 0.66
C PRO A 247 -3.76 -6.17 1.24
N THR A 248 -3.93 -7.35 0.64
CA THR A 248 -4.77 -8.42 1.19
C THR A 248 -4.01 -9.74 1.13
N LEU A 249 -4.41 -10.69 1.97
CA LEU A 249 -3.80 -12.03 1.96
C LEU A 249 -4.90 -13.00 2.30
N TYR A 250 -4.85 -14.20 1.71
CA TYR A 250 -5.84 -15.20 2.00
C TYR A 250 -5.26 -16.58 1.71
N THR A 251 -5.41 -17.50 2.65
CA THR A 251 -4.88 -18.86 2.45
C THR A 251 -5.94 -19.78 1.85
N LEU A 252 -5.68 -20.28 0.64
CA LEU A 252 -6.62 -21.15 -0.06
C LEU A 252 -6.50 -22.61 0.42
N SER A 253 -7.57 -23.39 0.23
CA SER A 253 -7.62 -24.76 0.73
C SER A 253 -6.52 -25.65 0.13
N SER A 254 -6.09 -25.34 -1.09
CA SER A 254 -5.02 -26.11 -1.74
C SER A 254 -3.65 -25.86 -1.10
N GLY A 255 -3.58 -24.85 -0.25
CA GLY A 255 -2.32 -24.46 0.36
C GLY A 255 -1.70 -23.24 -0.31
N ARG A 256 -2.22 -22.92 -1.49
CA ARG A 256 -1.79 -21.71 -2.19
C ARG A 256 -2.18 -20.47 -1.37
N VAL A 257 -1.28 -19.51 -1.25
CA VAL A 257 -1.59 -18.26 -0.57
C VAL A 257 -1.76 -17.16 -1.64
N LEU A 258 -2.90 -16.50 -1.62
CA LEU A 258 -3.25 -15.48 -2.61
C LEU A 258 -3.18 -14.08 -2.00
N SER A 259 -2.64 -13.13 -2.76
CA SER A 259 -2.59 -11.74 -2.33
C SER A 259 -3.23 -10.87 -3.40
N SER A 260 -3.99 -9.85 -3.00
CA SER A 260 -4.40 -8.80 -3.92
C SER A 260 -3.95 -7.43 -3.40
N ILE A 261 -4.04 -6.42 -4.26
CA ILE A 261 -3.50 -5.09 -3.95
C ILE A 261 -4.01 -4.06 -4.94
N ASP A 262 -4.04 -2.78 -4.52
CA ASP A 262 -4.25 -1.66 -5.43
C ASP A 262 -2.93 -1.42 -6.15
N ALA A 263 -2.89 -1.64 -7.45
CA ALA A 263 -1.77 -1.17 -8.26
C ALA A 263 -2.07 0.29 -8.62
N ARG A 264 -1.37 1.21 -7.96
CA ARG A 264 -1.67 2.65 -8.07
C ARG A 264 -0.68 3.39 -8.96
N TYR A 265 -1.19 3.96 -10.04
CA TYR A 265 -0.36 4.54 -11.07
C TYR A 265 -0.05 6.03 -10.85
N GLY A 266 -1.06 6.80 -10.47
CA GLY A 266 -0.89 8.23 -10.26
C GLY A 266 -0.44 8.57 -8.85
N GLY A 267 0.76 8.10 -8.49
CA GLY A 267 1.23 8.24 -7.12
C GLY A 267 0.39 7.37 -6.20
N THR A 268 0.42 7.65 -4.89
CA THR A 268 -0.33 6.81 -3.94
C THR A 268 -1.73 7.34 -3.63
N HIS A 269 -2.17 8.37 -4.33
CA HIS A 269 -3.49 8.97 -4.13
C HIS A 269 -4.64 7.97 -4.24
N ASP A 270 -5.63 8.05 -3.35
CA ASP A 270 -6.89 7.30 -3.57
C ASP A 270 -7.51 7.82 -4.86
N SER A 271 -8.39 7.04 -5.47
CA SER A 271 -9.27 7.57 -6.52
C SER A 271 -9.76 8.99 -6.14
N LYS A 272 -9.84 9.93 -7.08
CA LYS A 272 -9.57 9.73 -8.51
C LYS A 272 -8.09 9.56 -8.87
N SER A 273 -7.82 8.58 -9.71
CA SER A 273 -6.47 8.25 -10.14
C SER A 273 -6.64 7.20 -11.20
N LYS A 274 -5.55 6.58 -11.63
CA LYS A 274 -5.67 5.29 -12.28
C LYS A 274 -5.20 4.26 -11.28
N ILE A 275 -6.06 3.28 -10.99
CA ILE A 275 -5.69 2.16 -10.14
C ILE A 275 -6.32 0.89 -10.73
N ASN A 276 -5.53 -0.17 -10.79
CA ASN A 276 -6.01 -1.50 -11.14
C ASN A 276 -5.88 -2.38 -9.90
N ILE A 277 -6.57 -3.53 -9.88
CA ILE A 277 -6.38 -4.52 -8.82
C ILE A 277 -5.52 -5.66 -9.36
N ALA A 278 -4.38 -5.91 -8.71
CA ALA A 278 -3.47 -6.99 -9.13
C ALA A 278 -3.45 -8.09 -8.10
N THR A 279 -3.08 -9.30 -8.51
CA THR A 279 -2.95 -10.42 -7.60
C THR A 279 -1.68 -11.20 -7.87
N SER A 280 -1.19 -11.89 -6.83
CA SER A 280 -0.01 -12.75 -6.93
C SER A 280 -0.29 -13.89 -5.95
N TYR A 281 0.31 -15.06 -6.18
CA TYR A 281 0.15 -16.16 -5.24
C TYR A 281 1.48 -16.85 -4.97
N SER A 282 1.52 -17.56 -3.85
CA SER A 282 2.69 -18.36 -3.46
C SER A 282 2.24 -19.78 -3.20
N ASP A 283 3.01 -20.74 -3.71
CA ASP A 283 2.70 -22.15 -3.51
C ASP A 283 3.68 -22.79 -2.55
N ASP A 284 4.57 -21.98 -1.97
CA ASP A 284 5.58 -22.52 -1.06
C ASP A 284 5.59 -21.79 0.30
N ASN A 285 4.41 -21.57 0.87
CA ASN A 285 4.28 -20.91 2.18
C ASN A 285 4.85 -19.49 2.24
N GLY A 286 4.74 -18.76 1.13
CA GLY A 286 5.14 -17.37 1.10
C GLY A 286 6.60 -17.13 0.82
N LYS A 287 7.35 -18.19 0.49
CA LYS A 287 8.76 -18.03 0.16
C LYS A 287 9.00 -17.35 -1.18
N THR A 288 8.20 -17.70 -2.18
CA THR A 288 8.28 -17.06 -3.50
C THR A 288 6.88 -16.77 -4.01
N TRP A 289 6.78 -15.79 -4.91
CA TRP A 289 5.49 -15.27 -5.34
C TRP A 289 5.47 -15.14 -6.87
N SER A 290 4.30 -15.34 -7.46
CA SER A 290 4.16 -15.34 -8.91
C SER A 290 4.20 -13.92 -9.44
N GLU A 291 4.53 -13.77 -10.72
CA GLU A 291 4.43 -12.45 -11.34
CA GLU A 291 4.43 -12.46 -11.35
C GLU A 291 2.97 -12.02 -11.31
N PRO A 292 2.73 -10.76 -10.93
CA PRO A 292 1.32 -10.38 -10.74
C PRO A 292 0.54 -10.40 -12.04
N ILE A 293 -0.77 -10.63 -11.92
CA ILE A 293 -1.69 -10.48 -13.05
C ILE A 293 -2.77 -9.55 -12.55
N PHE A 294 -3.61 -9.06 -13.45
CA PHE A 294 -4.70 -8.20 -13.03
C PHE A 294 -5.98 -8.97 -12.77
N ALA A 295 -6.63 -8.66 -11.65
CA ALA A 295 -7.96 -9.20 -11.37
C ALA A 295 -9.02 -8.25 -11.93
N MET A 296 -8.74 -6.95 -11.89
CA MET A 296 -9.64 -5.94 -12.40
C MET A 296 -8.84 -4.78 -12.99
N LYS A 297 -9.11 -4.43 -14.24
CA LYS A 297 -8.39 -3.32 -14.86
C LYS A 297 -9.19 -2.59 -15.92
N PHE A 298 -8.83 -1.32 -16.13
CA PHE A 298 -9.43 -0.50 -17.17
C PHE A 298 -8.33 -0.13 -18.18
N ASN A 299 -8.72 0.16 -19.43
CA ASN A 299 -7.76 0.46 -20.48
C ASN A 299 -7.82 1.90 -20.98
N ASP A 300 -8.65 2.74 -20.34
CA ASP A 300 -8.80 4.12 -20.82
C ASP A 300 -7.51 4.94 -20.70
N TYR A 301 -6.68 4.61 -19.71
CA TYR A 301 -5.37 5.24 -19.58
C TYR A 301 -4.31 4.14 -19.64
N GLU A 302 -3.17 4.43 -20.25
CA GLU A 302 -2.02 3.51 -20.31
C GLU A 302 -1.53 3.13 -18.92
N GLU A 303 -1.13 1.88 -18.74
CA GLU A 303 -0.43 1.49 -17.53
C GLU A 303 1.01 2.00 -17.63
N GLN A 304 1.31 3.08 -16.91
CA GLN A 304 2.62 3.73 -16.98
C GLN A 304 3.32 3.71 -15.63
N LEU A 305 4.61 3.40 -15.64
CA LEU A 305 5.43 3.50 -14.45
C LEU A 305 5.91 4.94 -14.40
N VAL A 306 5.37 5.73 -13.47
CA VAL A 306 5.67 7.16 -13.39
C VAL A 306 6.29 7.56 -12.05
N TYR A 307 7.33 8.37 -12.07
CA TYR A 307 7.86 8.91 -10.84
C TYR A 307 7.07 10.17 -10.45
N TRP A 308 6.11 10.00 -9.54
CA TRP A 308 5.20 11.07 -9.17
C TRP A 308 5.91 12.11 -8.29
N PRO A 309 5.77 13.40 -8.64
CA PRO A 309 6.47 14.46 -7.91
C PRO A 309 6.14 14.47 -6.41
N ARG A 310 7.14 14.73 -5.58
CA ARG A 310 6.99 14.74 -4.12
C ARG A 310 7.14 16.13 -3.51
N ASP A 311 7.43 17.12 -4.35
CA ASP A 311 7.54 18.49 -3.85
C ASP A 311 6.16 19.05 -3.51
N ASN A 312 6.10 20.04 -2.64
CA ASN A 312 4.83 20.56 -2.16
C ASN A 312 3.94 21.19 -3.24
N LYS A 313 4.57 21.71 -4.29
CA LYS A 313 3.82 22.35 -5.36
C LYS A 313 3.04 21.38 -6.22
N LEU A 314 3.61 20.19 -6.45
CA LEU A 314 3.05 19.25 -7.41
C LEU A 314 2.54 17.93 -6.84
N LYS A 315 2.85 17.62 -5.59
CA LYS A 315 2.57 16.27 -5.08
C LYS A 315 1.09 15.93 -5.07
N ASN A 316 0.24 16.96 -5.04
CA ASN A 316 -1.19 16.73 -5.16
C ASN A 316 -1.73 16.66 -6.59
N SER A 317 -0.82 16.69 -7.56
CA SER A 317 -1.20 16.31 -8.92
C SER A 317 -1.91 14.95 -8.89
N GLN A 318 -3.00 14.85 -9.64
CA GLN A 318 -3.86 13.68 -9.58
C GLN A 318 -4.36 13.40 -10.98
N ILE A 319 -4.23 12.14 -11.42
CA ILE A 319 -4.84 11.73 -12.68
C ILE A 319 -6.36 11.88 -12.53
N SER A 320 -6.94 12.75 -13.37
CA SER A 320 -8.29 13.23 -13.12
C SER A 320 -9.33 12.73 -14.08
N GLY A 321 -8.90 12.04 -15.13
CA GLY A 321 -9.81 11.58 -16.15
C GLY A 321 -9.91 10.07 -16.32
N SER A 322 -9.28 9.30 -15.44
CA SER A 322 -9.27 7.84 -15.55
C SER A 322 -10.32 7.13 -14.70
N ALA A 323 -10.85 6.03 -15.22
CA ALA A 323 -11.67 5.15 -14.41
C ALA A 323 -10.70 4.39 -13.50
N SER A 324 -11.19 3.87 -12.38
CA SER A 324 -10.30 3.17 -11.46
CA SER A 324 -10.32 3.25 -11.38
C SER A 324 -11.03 2.17 -10.57
N PHE A 325 -10.27 1.25 -9.98
CA PHE A 325 -10.77 0.34 -8.95
C PHE A 325 -10.05 0.73 -7.65
N ILE A 326 -10.63 0.37 -6.50
CA ILE A 326 -9.95 0.65 -5.23
C ILE A 326 -10.52 -0.24 -4.14
N ASP A 327 -9.67 -0.64 -3.20
CA ASP A 327 -10.05 -1.51 -2.08
C ASP A 327 -10.60 -2.88 -2.51
N SER A 328 -9.73 -3.89 -2.52
CA SER A 328 -10.17 -5.24 -2.86
C SER A 328 -10.29 -6.13 -1.62
N SER A 329 -11.06 -7.21 -1.76
CA SER A 329 -11.27 -8.16 -0.69
C SER A 329 -11.43 -9.54 -1.31
N ILE A 330 -10.91 -10.58 -0.66
CA ILE A 330 -10.94 -11.94 -1.22
C ILE A 330 -11.64 -12.94 -0.28
N VAL A 331 -12.32 -13.93 -0.86
CA VAL A 331 -12.85 -15.08 -0.10
C VAL A 331 -12.78 -16.33 -0.97
N GLU A 332 -12.72 -17.50 -0.35
CA GLU A 332 -12.82 -18.75 -1.09
C GLU A 332 -14.10 -19.49 -0.74
N ASP A 333 -14.75 -20.05 -1.75
CA ASP A 333 -16.01 -20.78 -1.54
C ASP A 333 -15.70 -22.26 -1.54
N LYS A 334 -15.93 -22.92 -0.41
CA LYS A 334 -15.66 -24.35 -0.26
C LYS A 334 -16.46 -25.17 -1.26
N LYS A 335 -17.73 -24.82 -1.44
CA LYS A 335 -18.60 -25.63 -2.28
C LYS A 335 -18.17 -25.70 -3.75
N SER A 336 -18.11 -24.55 -4.40
CA SER A 336 -17.78 -24.53 -5.82
C SER A 336 -16.27 -24.63 -6.03
N GLY A 337 -15.49 -24.21 -5.03
CA GLY A 337 -14.04 -24.17 -5.17
C GLY A 337 -13.52 -22.87 -5.76
N LYS A 338 -14.43 -21.99 -6.14
CA LYS A 338 -14.07 -20.72 -6.78
C LYS A 338 -13.44 -19.77 -5.78
N THR A 339 -12.60 -18.87 -6.29
CA THR A 339 -12.08 -17.75 -5.50
C THR A 339 -12.86 -16.51 -5.94
N ILE A 340 -13.31 -15.71 -4.97
CA ILE A 340 -14.12 -14.53 -5.27
C ILE A 340 -13.39 -13.28 -4.79
N LEU A 341 -13.31 -12.28 -5.65
CA LEU A 341 -12.66 -11.01 -5.32
C LEU A 341 -13.65 -9.91 -5.65
N LEU A 342 -13.88 -9.03 -4.68
CA LEU A 342 -14.65 -7.81 -4.88
C LEU A 342 -13.71 -6.61 -4.79
N ALA A 343 -14.07 -5.51 -5.45
CA ALA A 343 -13.37 -4.23 -5.27
C ALA A 343 -14.37 -3.09 -5.55
N ASP A 344 -14.11 -1.89 -5.03
CA ASP A 344 -14.91 -0.73 -5.43
C ASP A 344 -14.57 -0.36 -6.87
N VAL A 345 -15.55 0.16 -7.61
CA VAL A 345 -15.29 0.70 -8.95
C VAL A 345 -15.68 2.16 -9.04
N MET A 346 -14.83 2.94 -9.71
CA MET A 346 -15.04 4.37 -9.88
C MET A 346 -14.99 4.71 -11.37
N PRO A 347 -16.03 5.39 -11.88
CA PRO A 347 -15.95 5.84 -13.27
C PRO A 347 -14.96 6.99 -13.37
N ALA A 348 -14.61 7.33 -14.60
CA ALA A 348 -13.62 8.36 -14.91
C ALA A 348 -13.82 9.65 -14.12
N GLY A 349 -12.76 10.09 -13.45
CA GLY A 349 -12.77 11.30 -12.66
C GLY A 349 -13.35 11.20 -11.25
N ILE A 350 -13.74 10.00 -10.83
CA ILE A 350 -14.54 9.84 -9.61
C ILE A 350 -13.81 9.17 -8.43
N GLY A 351 -14.01 9.75 -7.25
CA GLY A 351 -13.58 9.19 -5.98
C GLY A 351 -14.67 9.42 -4.94
N ASN A 352 -14.36 9.15 -3.67
CA ASN A 352 -15.33 9.31 -2.60
C ASN A 352 -15.76 10.75 -2.34
N ASN A 353 -14.91 11.71 -2.68
CA ASN A 353 -15.18 13.12 -2.44
C ASN A 353 -16.20 13.71 -3.41
N ASN A 354 -16.17 13.24 -4.65
CA ASN A 354 -17.07 13.75 -5.68
C ASN A 354 -18.07 12.71 -6.22
N ALA A 355 -18.13 11.55 -5.56
CA ALA A 355 -19.11 10.52 -5.93
C ALA A 355 -20.52 11.01 -5.62
N ASN A 356 -21.41 10.84 -6.60
CA ASN A 356 -22.81 11.20 -6.41
C ASN A 356 -23.41 10.35 -5.29
N LYS A 357 -23.50 10.93 -4.09
CA LYS A 357 -24.39 10.37 -3.09
C LYS A 357 -25.78 10.75 -3.57
N ALA A 358 -26.81 10.17 -2.96
CA ALA A 358 -28.21 10.34 -3.41
C ALA A 358 -28.53 9.63 -4.74
N ASP A 359 -27.56 8.90 -5.30
CA ASP A 359 -27.83 8.10 -6.50
C ASP A 359 -27.03 6.79 -6.50
N SER A 360 -27.73 5.67 -6.64
CA SER A 360 -27.10 4.36 -6.70
C SER A 360 -26.51 4.08 -8.08
N GLY A 361 -27.04 4.77 -9.08
CA GLY A 361 -26.62 4.55 -10.45
C GLY A 361 -27.49 3.50 -11.12
N PHE A 362 -28.46 2.97 -10.39
CA PHE A 362 -29.43 2.01 -10.94
C PHE A 362 -30.86 2.56 -10.88
N LYS A 363 -31.71 2.06 -11.77
CA LYS A 363 -33.13 2.39 -11.75
C LYS A 363 -33.95 1.16 -11.38
N GLU A 364 -34.95 1.31 -10.51
CA GLU A 364 -35.79 0.19 -10.12
C GLU A 364 -37.05 0.09 -10.98
N ILE A 365 -37.13 -0.95 -11.80
CA ILE A 365 -38.30 -1.17 -12.65
C ILE A 365 -38.81 -2.60 -12.43
N ASN A 366 -39.76 -2.75 -11.50
CA ASN A 366 -40.41 -4.03 -11.09
C ASN A 366 -39.72 -4.80 -9.97
N GLY A 367 -38.92 -4.13 -9.15
CA GLY A 367 -38.20 -4.83 -8.11
C GLY A 367 -36.87 -5.37 -8.62
N HIS A 368 -36.58 -5.04 -9.88
CA HIS A 368 -35.27 -5.32 -10.47
C HIS A 368 -34.51 -4.01 -10.69
N TYR A 369 -33.18 -4.09 -10.66
CA TYR A 369 -32.34 -2.91 -10.81
C TYR A 369 -31.60 -2.92 -12.14
N TYR A 370 -31.63 -1.78 -12.83
CA TYR A 370 -30.93 -1.68 -14.11
C TYR A 370 -29.94 -0.52 -14.12
N LEU A 371 -28.76 -0.78 -14.67
CA LEU A 371 -27.69 0.20 -14.68
C LEU A 371 -28.09 1.35 -15.59
N LYS A 372 -28.03 2.57 -15.04
CA LYS A 372 -28.40 3.74 -15.83
C LYS A 372 -27.25 4.19 -16.72
N LEU A 373 -27.58 4.87 -17.83
CA LEU A 373 -26.59 5.36 -18.77
C LEU A 373 -26.99 6.75 -19.28
N LYS A 374 -26.00 7.63 -19.45
CA LYS A 374 -26.25 8.92 -20.07
C LYS A 374 -25.53 9.00 -21.42
N LYS A 375 -26.22 9.46 -22.44
CA LYS A 375 -25.62 9.58 -23.77
C LYS A 375 -25.03 10.98 -24.01
N ASN A 376 -23.94 11.00 -24.78
CA ASN A 376 -23.32 12.20 -25.32
C ASN A 376 -24.36 13.26 -25.73
N GLY A 377 -24.45 14.36 -24.98
CA GLY A 377 -25.31 15.46 -25.37
C GLY A 377 -26.63 15.55 -24.62
N ASP A 378 -26.96 14.53 -23.84
CA ASP A 378 -28.14 14.59 -22.98
C ASP A 378 -27.78 15.23 -21.65
N ASN A 379 -28.77 15.82 -20.99
CA ASN A 379 -28.56 16.44 -19.69
C ASN A 379 -28.84 15.46 -18.55
N ASP A 380 -29.58 14.40 -18.86
CA ASP A 380 -29.96 13.42 -17.84
C ASP A 380 -29.68 12.00 -18.32
N PHE A 381 -29.93 11.03 -17.45
CA PHE A 381 -29.73 9.63 -17.77
C PHE A 381 -31.03 9.04 -18.32
N ARG A 382 -31.14 8.95 -19.64
CA ARG A 382 -32.38 8.53 -20.26
C ARG A 382 -32.27 7.13 -20.83
N TYR A 383 -31.26 6.39 -20.37
CA TYR A 383 -31.05 5.03 -20.82
C TYR A 383 -30.81 4.09 -19.64
N THR A 384 -31.04 2.80 -19.87
CA THR A 384 -30.78 1.76 -18.90
C THR A 384 -30.21 0.56 -19.64
N VAL A 385 -29.44 -0.27 -18.93
CA VAL A 385 -28.92 -1.50 -19.48
C VAL A 385 -29.79 -2.66 -18.97
N ARG A 386 -30.61 -3.23 -19.86
CA ARG A 386 -31.50 -4.32 -19.46
C ARG A 386 -30.88 -5.68 -19.71
N GLU A 387 -31.70 -6.72 -19.56
CA GLU A 387 -31.25 -8.10 -19.74
C GLU A 387 -30.53 -8.33 -21.08
N ASN A 388 -29.47 -9.13 -21.02
CA ASN A 388 -28.59 -9.40 -22.15
C ASN A 388 -27.82 -8.18 -22.65
N GLY A 389 -27.98 -7.06 -21.95
CA GLY A 389 -27.17 -5.87 -22.19
C GLY A 389 -27.77 -4.87 -23.16
N VAL A 390 -29.06 -4.98 -23.44
CA VAL A 390 -29.72 -4.06 -24.35
C VAL A 390 -29.86 -2.66 -23.76
N VAL A 391 -29.31 -1.68 -24.47
CA VAL A 391 -29.46 -0.29 -24.06
C VAL A 391 -30.86 0.21 -24.44
N TYR A 392 -31.69 0.45 -23.43
CA TYR A 392 -33.06 0.91 -23.65
C TYR A 392 -33.11 2.41 -23.48
N ASN A 393 -33.99 3.07 -24.25
CA ASN A 393 -34.25 4.48 -24.04
C ASN A 393 -35.48 4.59 -23.12
N GLU A 394 -35.36 5.41 -22.08
CA GLU A 394 -36.39 5.48 -21.04
C GLU A 394 -37.50 6.50 -21.29
N THR A 395 -37.21 7.51 -22.10
CA THR A 395 -38.21 8.54 -22.41
C THR A 395 -39.36 7.94 -23.22
N THR A 396 -39.03 6.96 -24.05
CA THR A 396 -39.99 6.34 -24.96
C THR A 396 -40.08 4.83 -24.77
N ASN A 397 -39.45 4.31 -23.71
CA ASN A 397 -39.35 2.86 -23.47
C ASN A 397 -38.95 2.06 -24.71
N LYS A 398 -38.38 2.76 -25.68
CA LYS A 398 -37.91 2.13 -26.92
C LYS A 398 -36.46 1.72 -26.75
N PRO A 399 -36.13 0.49 -27.16
CA PRO A 399 -34.75 -0.02 -27.12
C PRO A 399 -33.89 0.57 -28.24
N THR A 400 -32.57 0.35 -28.17
CA THR A 400 -31.63 0.89 -29.16
C THR A 400 -30.85 -0.17 -29.92
N ASN A 401 -30.07 0.31 -30.88
CA ASN A 401 -29.15 -0.53 -31.62
C ASN A 401 -27.82 -0.70 -30.86
N TYR A 402 -27.76 -0.19 -29.63
CA TYR A 402 -26.57 -0.31 -28.79
C TYR A 402 -26.72 -1.39 -27.72
N THR A 403 -25.66 -2.16 -27.50
CA THR A 403 -25.62 -3.13 -26.42
C THR A 403 -24.33 -3.00 -25.59
N ILE A 404 -24.43 -3.38 -24.32
CA ILE A 404 -23.26 -3.44 -23.44
C ILE A 404 -22.83 -4.89 -23.28
N ASN A 405 -21.60 -5.22 -23.64
CA ASN A 405 -21.15 -6.60 -23.46
C ASN A 405 -20.81 -6.93 -22.01
N ASP A 406 -20.19 -8.10 -21.82
CA ASP A 406 -19.84 -8.58 -20.49
C ASP A 406 -18.78 -7.70 -19.83
N LYS A 407 -17.95 -7.06 -20.66
CA LYS A 407 -16.85 -6.24 -20.16
C LYS A 407 -17.25 -4.78 -20.04
N TYR A 408 -18.55 -4.52 -19.99
CA TYR A 408 -19.12 -3.17 -19.92
C TYR A 408 -18.65 -2.29 -21.07
N GLU A 409 -18.37 -2.93 -22.21
CA GLU A 409 -17.99 -2.22 -23.42
C GLU A 409 -19.20 -1.98 -24.32
N VAL A 410 -19.17 -0.88 -25.07
CA VAL A 410 -20.29 -0.50 -25.92
C VAL A 410 -20.15 -1.12 -27.31
N LEU A 411 -21.23 -1.72 -27.78
CA LEU A 411 -21.31 -2.27 -29.12
C LEU A 411 -22.44 -1.54 -29.86
N GLU A 412 -22.22 -1.20 -31.13
CA GLU A 412 -23.32 -0.70 -31.94
C GLU A 412 -23.58 -1.69 -33.07
N GLY A 413 -24.76 -2.31 -33.04
CA GLY A 413 -25.09 -3.36 -34.00
C GLY A 413 -24.10 -4.52 -33.93
N GLY A 414 -23.61 -4.82 -32.72
CA GLY A 414 -22.70 -5.93 -32.56
C GLY A 414 -21.26 -5.61 -32.93
N LYS A 415 -21.01 -4.35 -33.29
CA LYS A 415 -19.65 -3.93 -33.62
C LYS A 415 -19.05 -3.11 -32.46
N SER A 416 -17.83 -3.47 -32.06
CA SER A 416 -17.15 -2.82 -30.94
C SER A 416 -16.77 -1.38 -31.22
N LEU A 417 -17.31 -0.46 -30.42
CA LEU A 417 -16.87 0.93 -30.47
C LEU A 417 -15.57 1.10 -29.68
N THR A 418 -14.77 2.08 -30.06
CA THR A 418 -13.48 2.30 -29.42
C THR A 418 -13.32 3.76 -28.97
N VAL A 419 -12.33 3.99 -28.10
CA VAL A 419 -11.94 5.35 -27.73
C VAL A 419 -10.43 5.38 -27.80
N GLU A 420 -9.86 6.59 -27.89
CA GLU A 420 -8.42 6.74 -27.89
C GLU A 420 -7.95 6.77 -26.45
N GLN A 421 -6.86 6.05 -26.19
CA GLN A 421 -6.32 5.96 -24.84
C GLN A 421 -5.59 7.24 -24.46
N TYR A 422 -5.47 7.48 -23.16
CA TYR A 422 -4.70 8.61 -22.64
C TYR A 422 -3.40 8.12 -22.01
N SER A 423 -2.38 8.98 -22.05
CA SER A 423 -1.14 8.77 -21.31
C SER A 423 -0.89 10.04 -20.51
N VAL A 424 -0.13 9.94 -19.43
CA VAL A 424 0.15 11.12 -18.61
C VAL A 424 1.65 11.44 -18.56
N ASP A 425 1.98 12.72 -18.40
CA ASP A 425 3.37 13.15 -18.28
C ASP A 425 3.51 14.47 -17.56
N PHE A 426 4.71 14.74 -17.06
CA PHE A 426 5.03 16.00 -16.42
C PHE A 426 6.07 16.78 -17.23
N ASP A 427 6.16 16.50 -18.52
CA ASP A 427 7.16 17.14 -19.40
C ASP A 427 7.06 18.67 -19.40
N SER A 428 5.84 19.18 -19.22
CA SER A 428 5.57 20.61 -19.29
C SER A 428 5.84 21.33 -17.98
N GLY A 429 6.08 20.55 -16.91
CA GLY A 429 6.26 21.14 -15.59
C GLY A 429 5.00 21.05 -14.75
N SER A 430 3.94 20.50 -15.33
CA SER A 430 2.73 20.18 -14.60
C SER A 430 2.09 18.93 -15.22
N LEU A 431 1.18 18.30 -14.50
CA LEU A 431 0.57 17.06 -15.00
C LEU A 431 -0.25 17.32 -16.25
N ARG A 432 -0.03 16.50 -17.26
CA ARG A 432 -0.79 16.58 -18.50
C ARG A 432 -1.40 15.22 -18.83
N GLU A 433 -2.67 15.20 -19.23
CA GLU A 433 -3.33 13.96 -19.63
C GLU A 433 -3.76 14.10 -21.08
N ARG A 434 -3.19 13.27 -21.96
CA ARG A 434 -3.45 13.45 -23.38
C ARG A 434 -3.51 12.17 -24.20
N HIS A 435 -4.31 12.22 -25.26
CA HIS A 435 -4.46 11.10 -26.18
C HIS A 435 -3.13 10.58 -26.76
N ASN A 436 -2.99 9.25 -26.84
CA ASN A 436 -1.71 8.67 -27.22
C ASN A 436 -1.68 7.92 -28.55
N GLY A 437 -2.78 7.99 -29.30
CA GLY A 437 -2.85 7.37 -30.62
C GLY A 437 -3.35 5.94 -30.65
N LYS A 438 -3.52 5.33 -29.49
CA LYS A 438 -3.95 3.92 -29.40
C LYS A 438 -5.45 3.82 -29.11
N GLN A 439 -6.14 2.95 -29.85
CA GLN A 439 -7.58 2.71 -29.65
C GLN A 439 -7.82 1.52 -28.74
N VAL A 440 -8.82 1.65 -27.86
CA VAL A 440 -9.18 0.58 -26.94
C VAL A 440 -10.70 0.49 -26.89
N PRO A 441 -11.25 -0.66 -26.49
CA PRO A 441 -12.71 -0.80 -26.50
C PRO A 441 -13.39 0.26 -25.66
N MET A 442 -14.47 0.84 -26.18
CA MET A 442 -15.21 1.88 -25.46
C MET A 442 -15.95 1.27 -24.27
N ASN A 443 -15.63 1.72 -23.06
CA ASN A 443 -16.22 1.18 -21.83
C ASN A 443 -17.08 2.26 -21.18
N VAL A 444 -18.22 1.88 -20.61
CA VAL A 444 -19.14 2.87 -20.05
C VAL A 444 -18.62 3.57 -18.78
N PHE A 445 -17.51 3.09 -18.25
CA PHE A 445 -16.88 3.75 -17.10
C PHE A 445 -15.87 4.81 -17.56
N TYR A 446 -15.71 4.94 -18.88
CA TYR A 446 -14.67 5.84 -19.43
C TYR A 446 -15.16 7.28 -19.65
N LYS A 447 -14.22 8.22 -19.63
CA LYS A 447 -14.52 9.64 -19.90
C LYS A 447 -15.00 9.86 -21.33
N ASP A 448 -14.38 9.17 -22.27
CA ASP A 448 -14.65 9.38 -23.70
C ASP A 448 -15.77 8.53 -24.28
N SER A 449 -16.49 7.81 -23.41
CA SER A 449 -17.54 6.89 -23.88
C SER A 449 -18.81 7.62 -24.33
N LEU A 450 -19.44 7.07 -25.37
CA LEU A 450 -20.73 7.54 -25.86
C LEU A 450 -21.80 7.45 -24.78
N PHE A 451 -21.77 6.35 -24.02
CA PHE A 451 -22.67 6.14 -22.88
C PHE A 451 -21.89 6.05 -21.57
N LYS A 452 -22.33 6.80 -20.57
CA LYS A 452 -21.63 6.86 -19.28
C LYS A 452 -22.49 6.41 -18.14
N VAL A 453 -21.90 5.72 -17.17
CA VAL A 453 -22.61 5.37 -15.95
C VAL A 453 -22.71 6.61 -15.07
N THR A 454 -23.52 6.51 -14.02
CA THR A 454 -23.63 7.58 -13.03
C THR A 454 -22.29 7.77 -12.31
N PRO A 455 -21.86 9.03 -12.16
CA PRO A 455 -20.59 9.29 -11.46
C PRO A 455 -20.72 9.05 -9.97
N THR A 456 -20.70 7.78 -9.59
CA THR A 456 -20.74 7.39 -8.18
C THR A 456 -19.92 6.12 -8.00
N ASN A 457 -19.83 5.61 -6.79
CA ASN A 457 -19.02 4.41 -6.53
C ASN A 457 -19.89 3.15 -6.62
N TYR A 458 -19.31 2.07 -7.16
CA TYR A 458 -20.00 0.78 -7.32
C TYR A 458 -19.15 -0.31 -6.67
N ILE A 459 -19.73 -1.51 -6.51
CA ILE A 459 -18.97 -2.67 -6.09
C ILE A 459 -18.99 -3.66 -7.25
N ALA A 460 -17.81 -4.20 -7.57
CA ALA A 460 -17.70 -5.21 -8.63
C ALA A 460 -17.23 -6.51 -8.01
N MET A 461 -17.52 -7.61 -8.67
CA MET A 461 -17.08 -8.94 -8.24
C MET A 461 -16.46 -9.64 -9.45
N THR A 462 -15.38 -10.37 -9.22
CA THR A 462 -14.87 -11.30 -10.23
C THR A 462 -14.61 -12.63 -9.54
N THR A 463 -14.45 -13.70 -10.31
CA THR A 463 -14.16 -15.00 -9.73
C THR A 463 -13.01 -15.63 -10.51
N SER A 464 -12.29 -16.53 -9.86
CA SER A 464 -11.28 -17.33 -10.54
C SER A 464 -11.54 -18.80 -10.29
N GLN A 465 -11.42 -19.61 -11.34
CA GLN A 465 -11.63 -21.07 -11.26
C GLN A 465 -10.32 -21.84 -11.10
N ASN A 466 -9.22 -21.12 -11.12
CA ASN A 466 -7.90 -21.73 -11.08
C ASN A 466 -7.02 -21.11 -9.99
N ARG A 467 -7.66 -20.70 -8.90
CA ARG A 467 -6.96 -20.19 -7.72
C ARG A 467 -6.02 -19.04 -8.06
N GLY A 468 -6.51 -18.08 -8.85
CA GLY A 468 -5.77 -16.84 -9.11
C GLY A 468 -4.82 -16.85 -10.29
N GLU A 469 -4.90 -17.88 -11.13
CA GLU A 469 -4.11 -17.90 -12.36
C GLU A 469 -4.77 -17.06 -13.44
N SER A 470 -6.09 -16.95 -13.39
CA SER A 470 -6.82 -16.03 -14.26
C SER A 470 -8.10 -15.59 -13.56
N TRP A 471 -8.60 -14.43 -13.94
CA TRP A 471 -9.82 -13.90 -13.36
C TRP A 471 -10.85 -13.60 -14.43
N GLU A 472 -12.12 -13.86 -14.13
CA GLU A 472 -13.22 -13.51 -15.02
C GLU A 472 -13.32 -12.00 -15.23
N GLN A 473 -14.16 -11.61 -16.18
CA GLN A 473 -14.54 -10.21 -16.33
C GLN A 473 -15.47 -9.87 -15.17
N PHE A 474 -15.32 -8.67 -14.60
CA PHE A 474 -16.05 -8.33 -13.39
C PHE A 474 -17.54 -8.09 -13.62
N LYS A 475 -18.34 -8.26 -12.58
CA LYS A 475 -19.76 -7.99 -12.66
C LYS A 475 -20.13 -7.02 -11.55
N LEU A 476 -20.95 -6.01 -11.86
CA LEU A 476 -21.44 -5.09 -10.83
C LEU A 476 -22.46 -5.75 -9.90
N LEU A 477 -22.26 -5.58 -8.59
CA LEU A 477 -23.26 -6.00 -7.62
C LEU A 477 -24.42 -4.99 -7.69
N PRO A 478 -25.63 -5.45 -7.34
CA PRO A 478 -26.81 -4.57 -7.33
C PRO A 478 -26.81 -3.65 -6.11
N PRO A 479 -27.66 -2.61 -6.12
CA PRO A 479 -27.69 -1.75 -4.93
C PRO A 479 -28.36 -2.50 -3.79
N PHE A 480 -27.96 -2.23 -2.55
CA PHE A 480 -28.50 -2.96 -1.41
C PHE A 480 -29.32 -2.07 -0.49
N LEU A 481 -29.10 -0.77 -0.57
CA LEU A 481 -29.75 0.18 0.34
C LEU A 481 -30.76 1.09 -0.37
N GLY A 482 -31.12 0.73 -1.60
CA GLY A 482 -32.14 1.48 -2.31
C GLY A 482 -31.68 2.21 -3.55
N GLU A 483 -32.65 2.54 -4.39
CA GLU A 483 -32.45 3.24 -5.65
C GLU A 483 -31.66 4.54 -5.49
N LYS A 484 -31.94 5.29 -4.43
CA LYS A 484 -31.36 6.61 -4.28
C LYS A 484 -30.31 6.69 -3.17
N HIS A 485 -29.70 5.55 -2.84
CA HIS A 485 -28.57 5.54 -1.93
C HIS A 485 -27.32 5.19 -2.74
N ASN A 486 -26.24 5.96 -2.61
CA ASN A 486 -25.01 5.55 -3.29
C ASN A 486 -24.52 4.22 -2.70
N GLY A 487 -23.71 3.49 -3.43
CA GLY A 487 -23.28 2.18 -2.98
C GLY A 487 -22.41 2.24 -1.73
N THR A 488 -22.38 1.15 -0.98
CA THR A 488 -21.52 1.06 0.19
C THR A 488 -20.06 0.91 -0.23
N TYR A 489 -19.15 1.05 0.74
CA TYR A 489 -17.73 0.92 0.46
C TYR A 489 -17.17 -0.41 0.95
N LEU A 490 -16.51 -1.15 0.06
CA LEU A 490 -15.97 -2.45 0.43
C LEU A 490 -14.93 -2.31 1.52
N CYS A 491 -14.97 -3.21 2.49
CA CYS A 491 -13.92 -3.28 3.50
C CYS A 491 -12.79 -4.11 2.93
N PRO A 492 -11.62 -3.49 2.76
CA PRO A 492 -10.55 -4.24 2.12
C PRO A 492 -9.96 -5.33 3.02
N GLY A 493 -9.52 -6.41 2.40
CA GLY A 493 -8.91 -7.49 3.15
C GLY A 493 -9.48 -8.84 2.76
N GLN A 494 -10.06 -9.52 3.73
CA GLN A 494 -10.69 -10.80 3.48
C GLN A 494 -12.21 -10.71 3.64
N GLY A 495 -12.93 -11.48 2.86
CA GLY A 495 -14.30 -11.80 3.20
C GLY A 495 -14.25 -12.98 4.15
N LEU A 496 -15.39 -13.49 4.59
CA LEU A 496 -15.41 -14.59 5.56
C LEU A 496 -16.16 -15.78 4.97
N ALA A 497 -15.53 -16.95 5.01
CA ALA A 497 -16.19 -18.20 4.64
C ALA A 497 -16.47 -18.97 5.91
N LEU A 498 -17.74 -19.07 6.28
CA LEU A 498 -18.06 -19.76 7.53
C LEU A 498 -17.66 -21.23 7.43
N LYS A 499 -17.09 -21.76 8.51
CA LYS A 499 -16.51 -23.11 8.51
C LYS A 499 -17.56 -24.21 8.46
N SER A 500 -18.76 -23.93 8.97
CA SER A 500 -19.77 -24.98 9.11
C SER A 500 -20.98 -24.84 8.18
N SER A 501 -20.86 -23.96 7.19
CA SER A 501 -21.89 -23.82 6.16
C SER A 501 -21.27 -23.38 4.84
N ASN A 502 -22.11 -23.03 3.87
CA ASN A 502 -21.61 -22.50 2.61
C ASN A 502 -21.66 -20.97 2.57
N ARG A 503 -21.98 -20.38 3.71
CA ARG A 503 -22.19 -18.94 3.77
C ARG A 503 -20.90 -18.15 3.53
N LEU A 504 -21.00 -17.13 2.67
CA LEU A 504 -19.91 -16.20 2.40
C LEU A 504 -20.37 -14.80 2.80
N ILE A 505 -19.50 -14.05 3.46
CA ILE A 505 -19.82 -12.68 3.86
C ILE A 505 -18.70 -11.72 3.47
N PHE A 506 -19.08 -10.60 2.87
CA PHE A 506 -18.16 -9.46 2.68
C PHE A 506 -18.68 -8.26 3.46
N ALA A 507 -17.86 -7.72 4.36
CA ALA A 507 -18.23 -6.51 5.09
C ALA A 507 -18.08 -5.30 4.19
N THR A 508 -19.04 -4.38 4.28
CA THR A 508 -18.89 -3.06 3.65
C THR A 508 -19.33 -2.03 4.67
N TYR A 509 -19.02 -0.75 4.41
CA TYR A 509 -19.47 0.31 5.32
C TYR A 509 -20.13 1.47 4.56
N THR A 510 -20.99 2.19 5.27
CA THR A 510 -21.54 3.44 4.73
C THR A 510 -21.85 4.33 5.92
N SER A 511 -22.50 5.47 5.70
CA SER A 511 -22.79 6.35 6.84
C SER A 511 -23.77 5.67 7.81
N GLY A 512 -23.37 5.57 9.08
CA GLY A 512 -24.26 5.07 10.11
C GLY A 512 -24.34 3.56 10.33
N GLU A 513 -23.65 2.76 9.51
CA GLU A 513 -23.75 1.31 9.66
C GLU A 513 -22.65 0.53 8.92
N LEU A 514 -22.46 -0.71 9.35
CA LEU A 514 -21.77 -1.70 8.54
C LEU A 514 -22.86 -2.41 7.75
N THR A 515 -22.58 -2.67 6.48
CA THR A 515 -23.52 -3.37 5.63
C THR A 515 -22.86 -4.67 5.16
N TYR A 516 -23.23 -5.78 5.81
CA TYR A 516 -22.64 -7.06 5.46
C TYR A 516 -23.35 -7.63 4.25
N LEU A 517 -22.56 -8.13 3.30
CA LEU A 517 -23.12 -8.72 2.10
C LEU A 517 -22.99 -10.23 2.25
N ILE A 518 -24.12 -10.93 2.13
CA ILE A 518 -24.20 -12.35 2.46
C ILE A 518 -24.65 -13.19 1.28
N SER A 519 -23.87 -14.22 0.95
CA SER A 519 -24.26 -15.18 -0.09
C SER A 519 -24.22 -16.60 0.43
N ASP A 520 -25.25 -17.39 0.12
CA ASP A 520 -25.28 -18.80 0.46
C ASP A 520 -25.17 -19.68 -0.80
N ASP A 521 -25.03 -19.06 -1.96
CA ASP A 521 -25.01 -19.80 -3.21
C ASP A 521 -23.78 -19.46 -4.07
N SER A 522 -22.61 -19.54 -3.45
CA SER A 522 -21.33 -19.35 -4.14
C SER A 522 -21.23 -17.98 -4.80
N GLY A 523 -21.83 -16.96 -4.19
CA GLY A 523 -21.71 -15.61 -4.70
C GLY A 523 -22.56 -15.30 -5.93
N GLN A 524 -23.52 -16.18 -6.21
CA GLN A 524 -24.47 -15.95 -7.29
C GLN A 524 -25.49 -14.86 -6.93
N THR A 525 -26.01 -14.91 -5.70
CA THR A 525 -26.89 -13.86 -5.20
C THR A 525 -26.42 -13.37 -3.84
N TRP A 526 -26.69 -12.10 -3.56
CA TRP A 526 -26.28 -11.50 -2.31
C TRP A 526 -27.48 -10.85 -1.66
N LYS A 527 -27.45 -10.80 -0.32
CA LYS A 527 -28.42 -10.04 0.45
C LYS A 527 -27.62 -9.26 1.47
N LYS A 528 -28.23 -8.22 2.02
CA LYS A 528 -27.50 -7.41 3.00
C LYS A 528 -27.96 -7.70 4.42
N SER A 529 -27.07 -7.43 5.36
CA SER A 529 -27.45 -7.43 6.77
C SER A 529 -26.85 -6.19 7.38
N SER A 530 -27.69 -5.22 7.69
CA SER A 530 -27.27 -3.94 8.24
C SER A 530 -27.03 -3.99 9.75
N ALA A 531 -25.96 -3.34 10.18
CA ALA A 531 -25.58 -3.28 11.58
C ALA A 531 -25.21 -1.86 11.95
N SER A 532 -26.12 -1.16 12.60
CA SER A 532 -25.87 0.26 12.89
C SER A 532 -24.66 0.45 13.80
N ILE A 533 -23.93 1.53 13.54
CA ILE A 533 -22.81 1.89 14.39
C ILE A 533 -22.99 3.36 14.77
N PRO A 534 -22.49 3.76 15.95
CA PRO A 534 -22.76 5.12 16.42
C PRO A 534 -21.83 6.18 15.79
N PHE A 535 -21.69 6.13 14.48
CA PHE A 535 -20.83 7.06 13.77
C PHE A 535 -21.50 7.54 12.51
N LYS A 536 -21.38 8.84 12.23
CA LYS A 536 -21.74 9.35 10.93
C LYS A 536 -20.45 9.52 10.13
N ASN A 537 -20.52 9.22 8.85
CA ASN A 537 -19.38 9.34 7.94
C ASN A 537 -18.04 8.83 8.48
N ALA A 538 -18.03 7.62 9.03
CA ALA A 538 -16.78 6.99 9.44
C ALA A 538 -16.26 6.10 8.31
N THR A 539 -14.94 6.05 8.17
CA THR A 539 -14.31 5.08 7.29
C THR A 539 -14.22 3.80 8.12
N ALA A 540 -15.36 3.12 8.28
CA ALA A 540 -15.43 2.02 9.22
C ALA A 540 -15.00 0.71 8.57
N GLU A 541 -13.73 0.64 8.18
CA GLU A 541 -13.18 -0.57 7.58
C GLU A 541 -13.20 -1.70 8.60
N ALA A 542 -13.81 -2.81 8.21
CA ALA A 542 -14.16 -3.90 9.13
C ALA A 542 -13.63 -5.23 8.62
N GLN A 543 -13.10 -6.04 9.54
CA GLN A 543 -12.68 -7.39 9.20
C GLN A 543 -13.21 -8.37 10.24
N MET A 544 -13.53 -9.59 9.79
CA MET A 544 -14.24 -10.55 10.63
C MET A 544 -13.41 -11.78 11.00
N VAL A 545 -13.73 -12.38 12.15
CA VAL A 545 -13.20 -13.68 12.56
C VAL A 545 -14.33 -14.55 13.08
N GLU A 546 -14.30 -15.84 12.79
CA GLU A 546 -15.31 -16.75 13.36
C GLU A 546 -14.75 -17.33 14.67
N LEU A 547 -15.26 -16.87 15.81
CA LEU A 547 -14.76 -17.35 17.11
C LEU A 547 -15.05 -18.84 17.34
N ARG A 548 -16.28 -19.23 17.06
CA ARG A 548 -16.69 -20.64 17.04
C ARG A 548 -17.79 -20.73 16.02
N ASP A 549 -18.27 -21.95 15.73
CA ASP A 549 -19.28 -22.14 14.71
CA ASP A 549 -19.31 -22.18 14.74
C ASP A 549 -20.46 -21.17 14.84
N GLY A 550 -20.69 -20.41 13.78
CA GLY A 550 -21.78 -19.45 13.72
C GLY A 550 -21.60 -18.15 14.48
N VAL A 551 -20.47 -18.00 15.18
CA VAL A 551 -20.20 -16.81 15.98
C VAL A 551 -19.12 -15.97 15.31
N ILE A 552 -19.50 -14.77 14.87
CA ILE A 552 -18.58 -13.87 14.17
C ILE A 552 -18.27 -12.63 15.00
N ARG A 553 -17.00 -12.33 15.20
CA ARG A 553 -16.63 -11.02 15.76
C ARG A 553 -16.03 -10.19 14.66
N THR A 554 -16.55 -8.97 14.52
CA THR A 554 -16.06 -8.04 13.53
C THR A 554 -15.27 -6.94 14.22
N PHE A 555 -14.03 -6.72 13.81
CA PHE A 555 -13.22 -5.62 14.34
C PHE A 555 -13.20 -4.47 13.34
N PHE A 556 -13.35 -3.24 13.79
CA PHE A 556 -13.40 -2.14 12.83
C PHE A 556 -12.85 -0.79 13.25
N ARG A 557 -12.41 -0.04 12.23
CA ARG A 557 -11.86 1.30 12.36
C ARG A 557 -12.97 2.30 12.71
N THR A 558 -12.67 3.23 13.62
CA THR A 558 -13.63 4.25 14.00
C THR A 558 -12.98 5.64 13.99
N THR A 559 -13.65 6.61 14.62
CA THR A 559 -13.10 7.96 14.74
C THR A 559 -12.80 8.32 16.20
N THR A 560 -12.73 7.31 17.07
CA THR A 560 -12.64 7.53 18.51
C THR A 560 -11.25 7.33 19.09
N GLY A 561 -10.35 6.79 18.28
CA GLY A 561 -9.02 6.47 18.73
C GLY A 561 -8.91 5.05 19.28
N LYS A 562 -10.02 4.32 19.22
CA LYS A 562 -10.05 2.92 19.64
C LYS A 562 -10.67 2.08 18.54
N ILE A 563 -10.20 0.85 18.41
CA ILE A 563 -10.77 -0.12 17.48
C ILE A 563 -12.07 -0.63 18.11
N ALA A 564 -13.11 -0.75 17.31
CA ALA A 564 -14.40 -1.19 17.83
C ALA A 564 -14.63 -2.65 17.44
N TYR A 565 -15.64 -3.26 18.03
CA TYR A 565 -16.08 -4.57 17.58
C TYR A 565 -17.57 -4.78 17.82
N MET A 566 -18.14 -5.74 17.11
CA MET A 566 -19.51 -6.18 17.34
C MET A 566 -19.53 -7.68 17.07
N THR A 567 -20.59 -8.36 17.50
CA THR A 567 -20.65 -9.83 17.43
C THR A 567 -21.98 -10.32 16.87
N SER A 568 -21.92 -11.38 16.07
CA SER A 568 -23.11 -12.06 15.58
C SER A 568 -23.06 -13.51 16.06
N ARG A 569 -24.22 -14.08 16.41
CA ARG A 569 -24.25 -15.47 16.82
C ARG A 569 -25.14 -16.30 15.92
N ASP A 570 -25.57 -15.70 14.82
CA ASP A 570 -26.43 -16.40 13.88
C ASP A 570 -25.87 -16.31 12.47
N SER A 571 -24.55 -16.49 12.37
CA SER A 571 -23.84 -16.48 11.10
C SER A 571 -24.09 -15.19 10.30
N GLY A 572 -24.20 -14.07 11.01
CA GLY A 572 -24.30 -12.76 10.35
C GLY A 572 -25.69 -12.18 10.16
N GLU A 573 -26.72 -12.87 10.65
CA GLU A 573 -28.10 -12.39 10.47
C GLU A 573 -28.36 -11.16 11.33
N THR A 574 -27.93 -11.21 12.59
CA THR A 574 -28.13 -10.10 13.52
C THR A 574 -26.82 -9.73 14.18
N TRP A 575 -26.72 -8.48 14.64
CA TRP A 575 -25.47 -7.98 15.19
C TRP A 575 -25.67 -7.28 16.51
N SER A 576 -24.69 -7.45 17.40
CA SER A 576 -24.71 -6.83 18.73
C SER A 576 -24.47 -5.34 18.67
N LYS A 577 -24.55 -4.69 19.82
CA LYS A 577 -24.11 -3.31 19.98
C LYS A 577 -22.60 -3.25 19.84
N VAL A 578 -22.09 -2.05 19.69
CA VAL A 578 -20.66 -1.83 19.46
C VAL A 578 -19.87 -1.67 20.77
N SER A 579 -18.77 -2.40 20.89
CA SER A 579 -17.87 -2.23 22.03
C SER A 579 -16.52 -1.77 21.51
N TYR A 580 -15.60 -1.46 22.42
CA TYR A 580 -14.30 -0.96 21.99
C TYR A 580 -13.18 -1.72 22.70
N ILE A 581 -12.09 -1.91 21.97
CA ILE A 581 -10.90 -2.52 22.54
C ILE A 581 -10.08 -1.50 23.34
N ASP A 582 -9.70 -1.87 24.55
CA ASP A 582 -8.77 -1.08 25.33
C ASP A 582 -7.40 -1.72 25.21
N GLY A 583 -6.34 -0.93 25.28
CA GLY A 583 -5.00 -1.47 25.20
C GLY A 583 -4.35 -1.28 23.84
N ILE A 584 -5.15 -0.89 22.86
CA ILE A 584 -4.59 -0.47 21.57
C ILE A 584 -5.05 0.95 21.25
N GLN A 585 -4.11 1.78 20.79
CA GLN A 585 -4.43 3.15 20.41
C GLN A 585 -4.36 3.36 18.89
N GLN A 586 -5.34 4.07 18.33
CA GLN A 586 -5.26 4.52 16.95
C GLN A 586 -5.42 6.03 16.94
N THR A 587 -5.16 6.64 15.78
CA THR A 587 -5.33 8.07 15.65
C THR A 587 -6.81 8.40 15.59
N SER A 588 -7.12 9.68 15.63
CA SER A 588 -8.50 10.15 15.47
C SER A 588 -9.09 9.69 14.14
N TYR A 589 -8.29 9.66 13.08
CA TYR A 589 -8.83 9.29 11.78
C TYR A 589 -8.87 7.77 11.55
N GLY A 590 -8.01 7.05 12.25
CA GLY A 590 -8.05 5.60 12.27
C GLY A 590 -7.26 4.92 11.17
N THR A 591 -7.12 3.61 11.29
CA THR A 591 -6.42 2.84 10.25
C THR A 591 -7.11 1.49 10.11
N GLN A 592 -7.10 0.94 8.91
CA GLN A 592 -7.60 -0.40 8.68
C GLN A 592 -6.93 -1.37 9.66
N VAL A 593 -7.68 -2.36 10.11
CA VAL A 593 -7.18 -3.40 10.99
C VAL A 593 -7.44 -4.77 10.35
N SER A 594 -6.43 -5.66 10.37
CA SER A 594 -6.65 -7.00 9.84
C SER A 594 -6.74 -8.00 11.00
N ALA A 595 -7.42 -9.12 10.78
CA ALA A 595 -7.70 -10.06 11.87
C ALA A 595 -7.95 -11.48 11.37
N ILE A 596 -7.42 -12.48 12.08
CA ILE A 596 -7.69 -13.87 11.74
C ILE A 596 -7.95 -14.69 12.99
N LYS A 597 -8.66 -15.80 12.82
CA LYS A 597 -8.79 -16.79 13.88
C LYS A 597 -7.65 -17.77 13.70
N TYR A 598 -6.76 -17.87 14.69
CA TYR A 598 -5.62 -18.79 14.57
C TYR A 598 -6.10 -20.24 14.73
N SER A 599 -5.54 -21.18 13.96
CA SER A 599 -6.06 -22.55 13.96
C SER A 599 -5.69 -23.33 15.23
N GLN A 600 -4.61 -22.93 15.89
CA GLN A 600 -4.12 -23.67 17.04
C GLN A 600 -4.39 -22.93 18.34
N LEU A 601 -4.61 -23.70 19.40
CA LEU A 601 -4.76 -23.13 20.73
C LEU A 601 -3.45 -22.48 21.17
N ILE A 602 -3.57 -21.42 21.95
CA ILE A 602 -2.41 -20.79 22.56
C ILE A 602 -2.69 -20.64 24.06
N ASP A 603 -1.75 -21.07 24.89
CA ASP A 603 -1.96 -21.13 26.34
C ASP A 603 -3.27 -21.86 26.65
N GLY A 604 -3.57 -22.88 25.84
CA GLY A 604 -4.77 -23.69 26.02
C GLY A 604 -6.07 -23.04 25.60
N LYS A 605 -5.99 -21.89 24.93
CA LYS A 605 -7.19 -21.14 24.58
C LYS A 605 -7.31 -20.85 23.08
N GLU A 606 -8.53 -20.63 22.63
CA GLU A 606 -8.78 -20.18 21.26
C GLU A 606 -8.12 -18.82 21.11
N ALA A 607 -7.47 -18.59 19.97
CA ALA A 607 -6.73 -17.35 19.75
C ALA A 607 -7.14 -16.62 18.48
N VAL A 608 -7.13 -15.30 18.58
CA VAL A 608 -7.38 -14.38 17.49
C VAL A 608 -6.15 -13.48 17.41
N ILE A 609 -5.72 -13.13 16.21
CA ILE A 609 -4.58 -12.22 16.05
C ILE A 609 -5.01 -10.97 15.27
N LEU A 610 -4.76 -9.80 15.85
CA LEU A 610 -5.06 -8.52 15.19
C LEU A 610 -3.77 -7.86 14.70
N SER A 611 -3.86 -7.18 13.56
CA SER A 611 -2.74 -6.38 13.03
C SER A 611 -3.20 -4.95 12.83
N THR A 612 -2.45 -4.00 13.41
CA THR A 612 -2.82 -2.59 13.39
C THR A 612 -1.63 -1.75 13.83
N PRO A 613 -1.60 -0.45 13.43
CA PRO A 613 -0.65 0.40 14.13
C PRO A 613 -1.12 0.57 15.58
N ASN A 614 -0.20 0.80 16.52
CA ASN A 614 -0.58 1.08 17.89
C ASN A 614 0.02 2.42 18.27
N SER A 615 -0.75 3.48 18.06
CA SER A 615 -0.25 4.84 18.18
C SER A 615 -1.40 5.83 18.07
N ARG A 616 -1.41 6.85 18.92
CA ARG A 616 -2.44 7.89 18.85
C ARG A 616 -1.94 9.11 18.07
N SER A 617 -0.70 9.00 17.58
CA SER A 617 -0.04 10.10 16.87
C SER A 617 -0.09 9.96 15.34
N GLY A 618 0.30 8.80 14.83
CA GLY A 618 0.31 8.59 13.39
C GLY A 618 0.18 7.11 13.05
N ARG A 619 0.41 6.76 11.79
CA ARG A 619 0.38 5.36 11.38
C ARG A 619 1.78 4.78 11.53
N LYS A 620 2.10 4.35 12.75
CA LYS A 620 3.42 3.82 13.08
C LYS A 620 3.24 2.95 14.31
N GLY A 621 4.29 2.24 14.71
CA GLY A 621 4.21 1.34 15.84
C GLY A 621 3.36 0.12 15.55
N GLY A 622 3.60 -0.50 14.40
CA GLY A 622 2.85 -1.67 14.01
C GLY A 622 2.95 -2.79 15.02
N GLN A 623 1.81 -3.42 15.31
CA GLN A 623 1.80 -4.58 16.18
C GLN A 623 0.93 -5.72 15.66
N LEU A 624 1.30 -6.93 16.05
CA LEU A 624 0.36 -8.05 16.02
C LEU A 624 -0.02 -8.25 17.48
N VAL A 625 -1.31 -8.39 17.75
CA VAL A 625 -1.79 -8.50 19.13
C VAL A 625 -2.54 -9.82 19.23
N VAL A 626 -2.05 -10.71 20.07
CA VAL A 626 -2.68 -12.02 20.22
C VAL A 626 -3.72 -11.96 21.35
N GLY A 627 -4.95 -12.31 21.01
CA GLY A 627 -6.02 -12.34 21.99
C GLY A 627 -6.49 -13.76 22.25
N LEU A 628 -6.73 -14.08 23.51
CA LEU A 628 -7.26 -15.39 23.89
C LEU A 628 -8.74 -15.26 24.25
N VAL A 629 -9.55 -16.15 23.70
CA VAL A 629 -10.99 -16.11 23.91
C VAL A 629 -11.35 -16.78 25.23
N ASN A 630 -12.16 -16.08 26.03
CA ASN A 630 -12.70 -16.68 27.26
C ASN A 630 -14.04 -17.33 26.95
N LYS A 631 -14.10 -18.65 27.07
CA LYS A 631 -15.28 -19.42 26.69
C LYS A 631 -16.53 -19.10 27.51
N GLU A 632 -16.34 -18.52 28.69
CA GLU A 632 -17.46 -18.12 29.54
C GLU A 632 -18.40 -17.18 28.82
N ASP A 633 -17.84 -16.23 28.08
CA ASP A 633 -18.60 -15.11 27.55
C ASP A 633 -18.10 -14.59 26.21
N ASP A 634 -17.15 -15.32 25.60
CA ASP A 634 -16.54 -14.91 24.32
C ASP A 634 -15.82 -13.56 24.40
N SER A 635 -15.42 -13.18 25.61
CA SER A 635 -14.61 -11.98 25.79
C SER A 635 -13.20 -12.31 25.35
N ILE A 636 -12.43 -11.31 24.96
CA ILE A 636 -11.06 -11.56 24.51
C ILE A 636 -10.06 -10.86 25.42
N ASP A 637 -9.08 -11.61 25.89
CA ASP A 637 -7.98 -11.08 26.70
CA ASP A 637 -8.01 -11.02 26.68
C ASP A 637 -6.78 -10.86 25.78
N TRP A 638 -6.49 -9.60 25.46
CA TRP A 638 -5.38 -9.27 24.57
C TRP A 638 -4.08 -9.42 25.34
N LYS A 639 -3.45 -10.58 25.20
CA LYS A 639 -2.40 -11.01 26.11
C LYS A 639 -0.97 -10.70 25.63
N TYR A 640 -0.73 -10.84 24.32
CA TYR A 640 0.61 -10.64 23.77
C TYR A 640 0.59 -9.52 22.74
N HIS A 641 1.57 -8.62 22.81
CA HIS A 641 1.76 -7.58 21.80
C HIS A 641 3.12 -7.79 21.16
N TYR A 642 3.16 -8.04 19.85
CA TYR A 642 4.42 -8.12 19.12
C TYR A 642 4.65 -6.85 18.30
N ASP A 643 5.76 -6.17 18.56
CA ASP A 643 6.12 -4.98 17.79
C ASP A 643 6.75 -5.38 16.47
N ILE A 644 6.11 -4.99 15.36
CA ILE A 644 6.60 -5.36 14.02
C ILE A 644 7.97 -4.72 13.74
N ASP A 645 8.09 -3.46 14.14
CA ASP A 645 9.34 -2.71 14.04
C ASP A 645 9.22 -1.56 15.04
N LEU A 646 10.13 -0.60 15.00
CA LEU A 646 10.16 0.47 16.02
C LEU A 646 8.81 1.19 16.21
N PRO A 647 8.56 1.68 17.43
CA PRO A 647 7.34 2.47 17.66
C PRO A 647 7.24 3.68 16.72
N SER A 648 8.39 4.20 16.31
CA SER A 648 8.42 5.42 15.50
C SER A 648 8.42 5.13 13.99
N TYR A 649 8.57 3.86 13.60
CA TYR A 649 8.60 3.48 12.18
C TYR A 649 7.20 3.18 11.63
N GLY A 650 6.99 3.51 10.35
CA GLY A 650 5.66 3.55 9.78
C GLY A 650 4.99 2.19 9.61
N TYR A 651 3.69 2.15 9.85
CA TYR A 651 2.91 0.93 9.69
C TYR A 651 1.47 1.35 9.47
N ALA A 652 0.90 1.01 8.32
CA ALA A 652 -0.46 1.44 8.01
C ALA A 652 -1.43 0.30 7.72
N TYR A 653 -1.96 0.24 6.51
CA TYR A 653 -2.89 -0.84 6.19
C TYR A 653 -2.12 -2.15 6.19
N SER A 654 -2.80 -3.25 6.49
CA SER A 654 -2.10 -4.51 6.65
C SER A 654 -2.99 -5.69 6.31
N ALA A 655 -2.35 -6.81 6.04
CA ALA A 655 -3.02 -8.05 5.71
C ALA A 655 -2.29 -9.13 6.49
N ILE A 656 -3.04 -10.02 7.12
CA ILE A 656 -2.43 -11.15 7.80
CA ILE A 656 -2.46 -11.14 7.85
C ILE A 656 -3.12 -12.46 7.43
N THR A 657 -2.35 -13.54 7.41
CA THR A 657 -2.92 -14.85 7.12
C THR A 657 -2.14 -15.92 7.85
N GLU A 658 -2.84 -16.97 8.28
CA GLU A 658 -2.16 -18.16 8.78
C GLU A 658 -1.73 -19.01 7.58
N LEU A 659 -0.42 -19.16 7.42
CA LEU A 659 0.13 -19.93 6.31
C LEU A 659 -0.15 -21.40 6.58
N PRO A 660 -0.13 -22.23 5.52
CA PRO A 660 -0.44 -23.66 5.67
C PRO A 660 0.46 -24.38 6.69
N ASN A 661 1.66 -23.87 6.93
CA ASN A 661 2.58 -24.47 7.89
C ASN A 661 2.41 -23.89 9.30
N HIS A 662 1.35 -23.11 9.47
CA HIS A 662 1.00 -22.44 10.74
C HIS A 662 1.88 -21.23 11.10
N HIS A 663 2.78 -20.83 10.21
CA HIS A 663 3.44 -19.54 10.36
C HIS A 663 2.41 -18.45 10.06
N ILE A 664 2.78 -17.20 10.32
CA ILE A 664 1.91 -16.05 10.06
C ILE A 664 2.56 -15.19 8.96
N GLY A 665 1.83 -14.93 7.87
CA GLY A 665 2.30 -14.04 6.83
C GLY A 665 1.69 -12.66 7.01
N VAL A 666 2.52 -11.62 6.91
CA VAL A 666 2.04 -10.25 7.06
C VAL A 666 2.49 -9.41 5.88
N LEU A 667 1.52 -8.87 5.15
CA LEU A 667 1.79 -7.96 4.01
C LEU A 667 1.22 -6.60 4.39
N PHE A 668 2.08 -5.58 4.44
CA PHE A 668 1.68 -4.33 5.10
C PHE A 668 2.34 -3.10 4.50
N GLU A 669 1.64 -1.96 4.60
CA GLU A 669 2.21 -0.69 4.21
C GLU A 669 3.24 -0.26 5.25
N LYS A 670 4.52 -0.38 4.95
CA LYS A 670 5.54 0.05 5.91
C LYS A 670 5.86 1.54 5.73
N TYR A 671 4.87 2.39 6.00
CA TYR A 671 5.07 3.84 5.98
C TYR A 671 3.81 4.49 6.50
N ASP A 672 3.83 5.78 6.75
CA ASP A 672 2.60 6.45 7.17
C ASP A 672 1.82 6.87 5.92
N SER A 673 0.79 6.09 5.58
CA SER A 673 0.01 6.38 4.37
C SER A 673 -1.05 7.47 4.58
N TRP A 674 -1.07 8.08 5.76
CA TRP A 674 -1.92 9.26 5.98
C TRP A 674 -1.08 10.52 5.76
N SER A 675 0.16 10.46 6.19
CA SER A 675 1.03 11.65 6.21
C SER A 675 1.24 12.26 4.82
N ARG A 676 1.12 13.57 4.76
CA ARG A 676 1.32 14.31 3.51
C ARG A 676 2.80 14.46 3.19
N ASN A 677 3.67 14.01 4.09
CA ASN A 677 5.10 14.02 3.81
C ASN A 677 5.60 12.67 3.22
N GLU A 678 4.75 11.66 3.23
CA GLU A 678 5.16 10.31 2.82
C GLU A 678 4.36 9.76 1.64
N LEU A 679 3.85 10.67 0.82
CA LEU A 679 3.14 10.27 -0.38
C LEU A 679 4.14 9.77 -1.43
N HIS A 680 3.65 8.92 -2.33
CA HIS A 680 4.41 8.56 -3.52
C HIS A 680 5.79 7.95 -3.23
N LEU A 681 5.82 6.96 -2.33
CA LEU A 681 7.02 6.18 -2.06
C LEU A 681 6.88 4.82 -2.75
N SER A 682 7.97 4.31 -3.31
CA SER A 682 7.94 3.00 -3.99
C SER A 682 8.47 1.89 -3.09
N ASN A 683 7.89 0.70 -3.25
CA ASN A 683 8.35 -0.51 -2.56
C ASN A 683 8.31 -0.41 -1.02
N VAL A 684 7.21 0.11 -0.49
CA VAL A 684 7.02 0.21 0.95
C VAL A 684 5.96 -0.79 1.46
N VAL A 685 5.18 -1.33 0.54
CA VAL A 685 4.33 -2.49 0.87
C VAL A 685 5.20 -3.75 0.86
N GLN A 686 5.40 -4.33 2.04
CA GLN A 686 6.36 -5.43 2.18
C GLN A 686 5.77 -6.60 2.93
N TYR A 687 6.38 -7.78 2.76
CA TYR A 687 5.89 -9.04 3.32
C TYR A 687 6.92 -9.63 4.29
N ILE A 688 6.46 -10.08 5.45
CA ILE A 688 7.32 -10.79 6.38
C ILE A 688 6.68 -12.11 6.83
N ASP A 689 7.52 -13.02 7.32
CA ASP A 689 7.05 -14.30 7.81
C ASP A 689 7.37 -14.37 9.30
N LEU A 690 6.38 -14.76 10.09
CA LEU A 690 6.54 -14.85 11.54
C LEU A 690 6.03 -16.21 12.05
N GLU A 691 6.56 -16.64 13.20
CA GLU A 691 6.06 -17.81 13.93
C GLU A 691 5.42 -17.35 15.22
N ILE A 692 4.46 -18.12 15.72
CA ILE A 692 3.73 -17.75 16.93
C ILE A 692 4.66 -17.51 18.11
N ASN A 693 5.70 -18.34 18.24
CA ASN A 693 6.67 -18.16 19.31
C ASN A 693 7.39 -16.80 19.22
N ASP A 694 7.43 -16.20 18.04
CA ASP A 694 8.00 -14.86 17.90
C ASP A 694 7.06 -13.85 18.53
N LEU A 695 5.76 -14.12 18.42
CA LEU A 695 4.74 -13.18 18.87
C LEU A 695 4.62 -13.21 20.39
N THR A 696 4.69 -14.41 20.95
CA THR A 696 4.65 -14.57 22.40
C THR A 696 6.06 -14.46 22.99
CAA D8I B . -11.39 8.63 -2.31
OAM D8I B . -12.08 7.58 -2.88
CAO D8I B . -12.24 6.41 -2.15
CAH D8I B . -11.68 6.29 -0.89
CAG D8I B . -12.97 5.35 -2.66
CAE D8I B . -13.15 4.18 -1.95
CAF D8I B . -12.59 4.05 -0.69
CAN D8I B . -11.86 5.10 -0.16
CAJ D8I B . -11.23 5.02 1.19
NAL D8I B . -9.79 5.09 1.22
CAI D8I B . -9.32 5.50 2.52
CAK D8I B . -7.85 5.30 2.75
SAP D8I B . -6.98 6.32 3.90
OAD D8I B . -7.06 7.73 3.47
OAC D8I B . -5.55 5.95 3.85
OAB D8I B . -7.49 6.15 5.27
S DMS C . -8.39 -17.50 5.20
O DMS C . -6.65 -17.08 5.10
C1 DMS C . -8.52 -19.26 5.60
C2 DMS C . -9.07 -16.80 6.73
S DMS D . 10.76 6.83 -4.62
O DMS D . 10.38 5.57 -3.40
C1 DMS D . 12.12 6.24 -5.64
C2 DMS D . 9.43 6.85 -5.86
#